data_6ZLJ
#
_entry.id   6ZLJ
#
_cell.length_a   42.199
_cell.length_b   58.222
_cell.length_c   64.439
_cell.angle_alpha   97.250
_cell.angle_beta   98.180
_cell.angle_gamma   109.930
#
_symmetry.space_group_name_H-M   'P 1'
#
loop_
_entity.id
_entity.type
_entity.pdbx_description
1 polymer 'Epimerase domain-containing protein'
2 non-polymer NICOTINAMIDE-ADENINE-DINUCLEOTIDE
3 non-polymer '(2~{R},3~{S},4~{R},5~{R},6~{R})-6-[[[(2~{R},3~{S},4~{R},5~{R})-5-[2,4-bis(oxidanylidene)pyrimidin-1-yl]-3,4-bis(oxidany l)oxolan-2-yl]methoxy-oxidanyl-phosphoryl]oxy-oxidanyl-phosphoryl]oxy-3-fluoranyl-4,5-bis(oxidanyl)oxane-2-carboxylic acid'
4 water water
#
_entity_poly.entity_id   1
_entity_poly.type   'polypeptide(L)'
_entity_poly.pdbx_seq_one_letter_code
;MKILVTGAAGFIGSHLCQALLKNSAYHVVGIDHFIGPTPATLKTGNIQSLELNSRFQFIREDILNTDLSKLLQDIDVVYH
LAAIPGVRTSWGKDFQPYVTNNIMVTQQLLEACKHIKLDKFIHISTSSVYGEKSGAVSEDLLPIPLSPFGVTKLSGEHLC
HVYHKNFHIPIVILRYFTVYGPRQRPDMAFHRLIKQMLEDKPLTIFGDGTQTRDFTYIDDCIRGTVAALETKKNIIGEVI
NIGGKEQASILDIISMLEKISGKSATKNFLKSVPGEPKQTWADISKASTLLQYSPTVSLSDGLEAEYDYIKQLYKGDAAW
SHPQFEK
;
_entity_poly.pdbx_strand_id   A,B
#
loop_
_chem_comp.id
_chem_comp.type
_chem_comp.name
_chem_comp.formula
NAD non-polymer NICOTINAMIDE-ADENINE-DINUCLEOTIDE 'C21 H27 N7 O14 P2'
UGF non-polymer '(2~{R},3~{S},4~{R},5~{R},6~{R})-6-[[[(2~{R},3~{S},4~{R},5~{R})-5-[2,4-bis(oxidanylidene)pyrimidin-1-yl]-3,4-bis(oxidany l)oxolan-2-yl]methoxy-oxidanyl-phosphoryl]oxy-oxidanyl-phosphoryl]oxy-3-fluoranyl-4,5-bis(oxidanyl)oxane-2-carboxylic acid' 'C15 H21 F N2 O17 P2'
#
# COMPACT_ATOMS: atom_id res chain seq x y z
N MET A 1 28.53 9.20 9.43
CA MET A 1 27.15 9.09 9.92
C MET A 1 26.47 7.91 9.23
N LYS A 2 25.22 7.62 9.62
CA LYS A 2 24.26 6.74 8.91
C LYS A 2 23.36 7.61 8.01
N ILE A 3 23.23 7.24 6.75
CA ILE A 3 22.50 8.04 5.71
C ILE A 3 21.41 7.15 5.14
N LEU A 4 20.18 7.61 5.18
CA LEU A 4 19.05 6.90 4.51
C LEU A 4 18.93 7.46 3.09
N VAL A 5 18.95 6.58 2.07
CA VAL A 5 18.65 7.01 0.66
C VAL A 5 17.38 6.27 0.27
N THR A 6 16.29 7.02 0.10
CA THR A 6 15.05 6.48 -0.50
C THR A 6 15.22 6.46 -2.02
N GLY A 7 14.62 5.46 -2.66
CA GLY A 7 14.75 5.26 -4.11
C GLY A 7 16.14 4.81 -4.45
N ALA A 8 16.79 4.09 -3.54
CA ALA A 8 18.23 3.70 -3.60
C ALA A 8 18.57 2.82 -4.83
N ALA A 9 17.62 2.08 -5.41
CA ALA A 9 17.84 1.15 -6.54
C ALA A 9 17.59 1.84 -7.88
N GLY A 10 17.14 3.09 -7.84
CA GLY A 10 16.84 3.83 -9.09
C GLY A 10 18.08 4.40 -9.75
N PHE A 11 17.85 5.15 -10.81
CA PHE A 11 18.90 5.74 -11.67
C PHE A 11 19.82 6.59 -10.79
N ILE A 12 19.32 7.65 -10.20
CA ILE A 12 20.18 8.61 -9.45
C ILE A 12 20.54 8.02 -8.07
N GLY A 13 19.60 7.37 -7.41
CA GLY A 13 19.82 6.84 -6.05
C GLY A 13 20.91 5.78 -6.03
N SER A 14 20.97 4.91 -7.04
CA SER A 14 22.02 3.84 -7.11
C SER A 14 23.41 4.51 -7.23
N HIS A 15 23.56 5.50 -8.11
CA HIS A 15 24.82 6.30 -8.22
C HIS A 15 25.19 6.99 -6.91
N LEU A 16 24.18 7.54 -6.22
CA LEU A 16 24.39 8.34 -4.99
C LEU A 16 24.93 7.42 -3.90
N CYS A 17 24.33 6.25 -3.76
CA CYS A 17 24.77 5.28 -2.74
C CYS A 17 26.23 4.92 -3.01
N GLN A 18 26.57 4.65 -4.27
CA GLN A 18 27.95 4.24 -4.67
C GLN A 18 28.91 5.37 -4.31
N ALA A 19 28.54 6.62 -4.56
CA ALA A 19 29.44 7.76 -4.27
C ALA A 19 29.61 7.93 -2.76
N LEU A 20 28.55 7.78 -1.97
CA LEU A 20 28.64 7.92 -0.49
C LEU A 20 29.58 6.84 0.07
N LEU A 21 29.47 5.62 -0.46
CA LEU A 21 30.24 4.45 0.07
C LEU A 21 31.75 4.57 -0.23
N LYS A 22 32.17 5.47 -1.12
CA LYS A 22 33.61 5.79 -1.33
C LYS A 22 34.24 6.37 -0.06
N ASN A 23 33.46 7.01 0.82
CA ASN A 23 33.96 7.61 2.09
C ASN A 23 33.80 6.56 3.19
N SER A 24 34.89 6.13 3.84
CA SER A 24 34.87 4.99 4.80
C SER A 24 33.99 5.33 6.02
N ALA A 25 33.76 6.62 6.29
CA ALA A 25 33.05 7.14 7.49
C ALA A 25 31.53 7.08 7.32
N TYR A 26 31.03 6.79 6.12
CA TYR A 26 29.57 6.75 5.86
C TYR A 26 29.08 5.31 5.86
N HIS A 27 27.94 5.12 6.51
CA HIS A 27 27.11 3.90 6.37
C HIS A 27 25.81 4.31 5.70
N VAL A 28 25.31 3.50 4.79
CA VAL A 28 24.14 3.87 3.94
C VAL A 28 23.06 2.80 4.09
N VAL A 29 21.85 3.24 4.35
CA VAL A 29 20.65 2.36 4.30
C VAL A 29 19.87 2.81 3.07
N GLY A 30 19.61 1.89 2.13
CA GLY A 30 18.85 2.18 0.91
C GLY A 30 17.51 1.49 0.99
N ILE A 31 16.43 2.20 0.70
CA ILE A 31 15.08 1.58 0.59
C ILE A 31 14.53 1.79 -0.82
N ASP A 32 13.98 0.73 -1.41
CA ASP A 32 13.43 0.82 -2.79
C ASP A 32 12.40 -0.28 -2.99
N HIS A 33 11.24 0.07 -3.48
CA HIS A 33 10.08 -0.86 -3.66
C HIS A 33 10.08 -1.39 -5.11
N PHE A 34 11.04 -0.99 -5.96
CA PHE A 34 11.14 -1.46 -7.37
C PHE A 34 9.83 -1.20 -8.13
N ILE A 35 9.39 0.06 -8.15
CA ILE A 35 8.17 0.47 -8.89
C ILE A 35 8.55 1.62 -9.82
N GLY A 36 7.58 2.13 -10.53
CA GLY A 36 7.73 3.22 -11.49
C GLY A 36 8.14 2.67 -12.86
N PRO A 37 8.70 3.54 -13.74
CA PRO A 37 8.84 3.20 -15.15
C PRO A 37 9.95 2.18 -15.45
N THR A 38 10.97 2.07 -14.60
CA THR A 38 12.09 1.14 -14.85
C THR A 38 11.73 -0.28 -14.44
N PRO A 39 11.82 -1.29 -15.34
CA PRO A 39 11.59 -2.67 -14.93
C PRO A 39 12.60 -3.14 -13.86
N ALA A 40 12.12 -4.02 -13.00
CA ALA A 40 12.88 -4.60 -11.89
C ALA A 40 14.23 -5.18 -12.37
N THR A 41 14.29 -5.77 -13.57
CA THR A 41 15.55 -6.37 -14.08
C THR A 41 16.66 -5.32 -14.09
N LEU A 42 16.39 -4.12 -14.62
CA LEU A 42 17.41 -3.05 -14.71
C LEU A 42 17.78 -2.59 -13.30
N LYS A 43 16.81 -2.52 -12.38
CA LYS A 43 17.06 -2.05 -11.00
C LYS A 43 18.00 -3.05 -10.32
N THR A 44 17.77 -4.35 -10.52
CA THR A 44 18.64 -5.37 -9.92
C THR A 44 20.08 -5.04 -10.33
N GLY A 45 20.30 -4.75 -11.62
CA GLY A 45 21.63 -4.37 -12.16
C GLY A 45 22.18 -3.13 -11.50
N ASN A 46 21.32 -2.18 -11.14
CA ASN A 46 21.76 -0.90 -10.52
C ASN A 46 22.41 -1.15 -9.16
N ILE A 47 22.02 -2.18 -8.40
CA ILE A 47 22.40 -2.31 -6.96
C ILE A 47 23.27 -3.54 -6.70
N GLN A 48 23.46 -4.43 -7.68
CA GLN A 48 24.22 -5.70 -7.52
C GLN A 48 25.51 -5.44 -6.72
N SER A 49 26.32 -4.48 -7.19
CA SER A 49 27.60 -4.07 -6.56
C SER A 49 27.35 -3.62 -5.12
N LEU A 50 26.49 -2.63 -4.93
CA LEU A 50 26.19 -1.98 -3.64
C LEU A 50 25.95 -3.04 -2.55
N GLU A 51 25.10 -4.03 -2.81
CA GLU A 51 24.60 -4.98 -1.79
C GLU A 51 25.78 -5.73 -1.13
N LEU A 52 26.77 -6.12 -1.95
CA LEU A 52 28.06 -6.72 -1.52
C LEU A 52 28.76 -5.84 -0.47
N ASN A 53 28.70 -4.52 -0.56
CA ASN A 53 29.41 -3.60 0.37
C ASN A 53 28.89 -3.77 1.80
N SER A 54 29.78 -3.91 2.78
CA SER A 54 29.40 -4.22 4.18
C SER A 54 28.87 -2.96 4.89
N ARG A 55 29.00 -1.77 4.29
CA ARG A 55 28.49 -0.50 4.89
C ARG A 55 27.19 -0.08 4.18
N PHE A 56 26.60 -0.97 3.39
CA PHE A 56 25.32 -0.74 2.67
C PHE A 56 24.27 -1.78 3.11
N GLN A 57 23.14 -1.32 3.64
CA GLN A 57 21.97 -2.19 3.93
C GLN A 57 20.86 -1.84 2.93
N PHE A 58 20.37 -2.84 2.20
CA PHE A 58 19.30 -2.63 1.19
C PHE A 58 17.99 -3.20 1.71
N ILE A 59 16.91 -2.41 1.62
CA ILE A 59 15.55 -2.80 2.08
C ILE A 59 14.62 -2.70 0.87
N ARG A 60 14.04 -3.81 0.42
CA ARG A 60 13.09 -3.80 -0.71
C ARG A 60 11.69 -3.78 -0.11
N GLU A 61 11.26 -2.58 0.29
CA GLU A 61 9.93 -2.35 0.89
C GLU A 61 9.36 -1.03 0.40
N ASP A 62 8.03 -0.97 0.38
CA ASP A 62 7.25 0.27 0.19
C ASP A 62 7.40 1.14 1.44
N ILE A 63 7.90 2.38 1.29
CA ILE A 63 8.01 3.39 2.39
C ILE A 63 6.67 3.57 3.14
N LEU A 64 5.54 3.40 2.46
CA LEU A 64 4.19 3.57 3.07
C LEU A 64 3.77 2.28 3.79
N ASN A 65 4.53 1.20 3.65
CA ASN A 65 4.19 -0.10 4.27
C ASN A 65 5.45 -0.70 4.88
N THR A 66 6.19 0.12 5.62
CA THR A 66 7.45 -0.19 6.33
C THR A 66 7.38 0.45 7.73
N ASP A 67 8.14 -0.09 8.67
CA ASP A 67 8.23 0.49 10.03
C ASP A 67 9.23 1.64 9.93
N LEU A 68 8.71 2.87 9.89
CA LEU A 68 9.57 4.06 9.67
C LEU A 68 10.40 4.35 10.93
N SER A 69 9.95 3.86 12.11
CA SER A 69 10.74 3.87 13.37
C SER A 69 12.03 3.06 13.18
N LYS A 70 11.90 1.82 12.71
CA LYS A 70 13.09 0.98 12.41
C LYS A 70 13.96 1.69 11.37
N LEU A 71 13.31 2.14 10.29
CA LEU A 71 14.04 2.70 9.12
C LEU A 71 14.88 3.90 9.58
N LEU A 72 14.35 4.75 10.47
CA LEU A 72 15.00 6.07 10.74
C LEU A 72 15.87 6.08 12.01
N GLN A 73 16.01 4.94 12.67
CA GLN A 73 16.78 4.80 13.95
C GLN A 73 18.24 5.15 13.72
N ASP A 74 18.70 6.20 14.40
CA ASP A 74 20.09 6.75 14.40
C ASP A 74 20.46 7.30 13.01
N ILE A 75 19.49 7.56 12.15
CA ILE A 75 19.79 8.21 10.85
C ILE A 75 20.22 9.65 11.13
N ASP A 76 21.34 10.06 10.55
CA ASP A 76 21.84 11.44 10.63
C ASP A 76 21.34 12.25 9.45
N VAL A 77 21.30 11.63 8.26
CA VAL A 77 20.93 12.35 7.02
C VAL A 77 19.95 11.51 6.20
N VAL A 78 18.91 12.16 5.67
CA VAL A 78 17.96 11.52 4.72
C VAL A 78 18.21 12.16 3.36
N TYR A 79 18.48 11.34 2.37
CA TYR A 79 18.34 11.72 0.96
C TYR A 79 17.03 11.13 0.46
N HIS A 80 16.06 11.96 0.13
CA HIS A 80 14.71 11.48 -0.27
C HIS A 80 14.59 11.59 -1.80
N LEU A 81 14.93 10.52 -2.53
CA LEU A 81 14.82 10.45 -4.00
C LEU A 81 13.59 9.63 -4.44
N ALA A 82 13.00 8.84 -3.55
CA ALA A 82 11.89 7.93 -3.93
C ALA A 82 10.78 8.79 -4.54
N ALA A 83 10.28 8.40 -5.70
CA ALA A 83 9.26 9.17 -6.47
C ALA A 83 8.81 8.32 -7.64
N ILE A 84 7.63 8.60 -8.17
CA ILE A 84 7.22 8.22 -9.55
C ILE A 84 7.50 9.41 -10.44
N PRO A 85 8.50 9.32 -11.37
CA PRO A 85 9.00 10.50 -12.08
C PRO A 85 8.61 10.83 -13.51
N GLY A 86 7.69 10.08 -14.11
CA GLY A 86 7.34 10.27 -15.54
C GLY A 86 6.51 11.51 -15.79
N VAL A 87 7.07 12.45 -16.56
CA VAL A 87 6.39 13.72 -16.91
C VAL A 87 5.13 13.39 -17.72
N ARG A 88 5.23 12.43 -18.64
CA ARG A 88 4.27 12.26 -19.75
C ARG A 88 3.16 11.26 -19.42
N THR A 89 3.23 10.52 -18.31
CA THR A 89 2.30 9.41 -17.99
C THR A 89 1.56 9.67 -16.67
N SER A 90 1.19 10.92 -16.37
CA SER A 90 0.61 11.31 -15.05
C SER A 90 -0.84 11.76 -15.22
N TRP A 91 -1.46 11.46 -16.34
CA TRP A 91 -2.83 11.91 -16.69
C TRP A 91 -3.82 10.81 -16.30
N GLY A 92 -5.08 11.18 -16.14
CA GLY A 92 -6.20 10.26 -15.92
C GLY A 92 -5.99 9.28 -14.77
N LYS A 93 -6.26 8.00 -15.01
CA LYS A 93 -6.13 6.91 -14.01
C LYS A 93 -4.66 6.78 -13.54
N ASP A 94 -3.69 7.19 -14.35
CA ASP A 94 -2.26 7.03 -14.00
C ASP A 94 -1.86 8.03 -12.90
N PHE A 95 -2.72 9.02 -12.56
CA PHE A 95 -2.38 10.08 -11.59
C PHE A 95 -2.24 9.54 -10.15
N GLN A 96 -3.09 8.60 -9.75
CA GLN A 96 -3.15 8.10 -8.35
C GLN A 96 -1.76 7.74 -7.81
N PRO A 97 -0.95 6.88 -8.49
CA PRO A 97 0.39 6.54 -7.99
C PRO A 97 1.35 7.71 -7.75
N TYR A 98 1.22 8.79 -8.53
CA TYR A 98 2.04 9.99 -8.32
C TYR A 98 1.67 10.65 -6.99
N VAL A 99 0.38 10.69 -6.69
CA VAL A 99 -0.15 11.26 -5.44
C VAL A 99 0.35 10.42 -4.28
N THR A 100 0.09 9.10 -4.31
CA THR A 100 0.57 8.12 -3.30
C THR A 100 2.07 8.29 -3.06
N ASN A 101 2.86 8.23 -4.12
CA ASN A 101 4.33 8.00 -3.97
C ASN A 101 5.09 9.31 -3.91
N ASN A 102 4.54 10.43 -4.40
CA ASN A 102 5.25 11.73 -4.35
C ASN A 102 4.73 12.55 -3.16
N ILE A 103 3.42 12.48 -2.84
CA ILE A 103 2.85 13.32 -1.74
C ILE A 103 2.78 12.52 -0.44
N MET A 104 2.04 11.41 -0.40
CA MET A 104 1.86 10.64 0.85
C MET A 104 3.22 10.15 1.37
N VAL A 105 4.09 9.60 0.53
CA VAL A 105 5.43 9.12 0.95
C VAL A 105 6.19 10.26 1.63
N THR A 106 6.23 11.46 1.02
CA THR A 106 6.96 12.61 1.59
C THR A 106 6.37 13.00 2.95
N GLN A 107 5.04 13.06 3.07
CA GLN A 107 4.38 13.44 4.33
C GLN A 107 4.75 12.41 5.40
N GLN A 108 4.71 11.12 5.08
CA GLN A 108 4.93 10.06 6.11
C GLN A 108 6.41 10.06 6.57
N LEU A 109 7.35 10.27 5.65
CA LEU A 109 8.77 10.40 6.04
C LEU A 109 8.98 11.64 6.94
N LEU A 110 8.41 12.78 6.61
CA LEU A 110 8.56 14.03 7.42
C LEU A 110 7.93 13.80 8.81
N GLU A 111 6.76 13.15 8.88
CA GLU A 111 6.09 12.83 10.17
C GLU A 111 7.03 11.98 11.01
N ALA A 112 7.65 10.98 10.41
CA ALA A 112 8.60 10.07 11.09
C ALA A 112 9.84 10.84 11.56
N CYS A 113 10.25 11.90 10.85
CA CYS A 113 11.49 12.66 11.16
C CYS A 113 11.30 13.72 12.26
N LYS A 114 10.07 13.93 12.72
CA LYS A 114 9.75 14.98 13.71
C LYS A 114 10.62 14.88 14.97
N HIS A 115 10.59 13.73 15.65
CA HIS A 115 11.23 13.59 16.99
C HIS A 115 12.58 12.86 16.90
N ILE A 116 13.20 12.80 15.72
CA ILE A 116 14.63 12.36 15.64
C ILE A 116 15.41 13.63 15.32
N LYS A 117 16.71 13.64 15.52
CA LYS A 117 17.50 14.88 15.34
C LYS A 117 18.38 14.67 14.11
N LEU A 118 17.87 15.00 12.93
CA LEU A 118 18.66 14.89 11.67
C LEU A 118 19.67 16.03 11.65
N ASP A 119 20.80 15.81 10.99
CA ASP A 119 21.63 16.93 10.50
C ASP A 119 20.86 17.58 9.34
N LYS A 120 20.44 16.77 8.36
CA LYS A 120 19.77 17.25 7.13
C LYS A 120 18.75 16.25 6.59
N PHE A 121 17.67 16.79 6.03
CA PHE A 121 16.68 16.06 5.19
C PHE A 121 16.80 16.69 3.80
N ILE A 122 17.52 16.04 2.93
CA ILE A 122 17.81 16.53 1.58
C ILE A 122 16.76 15.95 0.64
N HIS A 123 15.84 16.81 0.22
CA HIS A 123 14.66 16.43 -0.59
C HIS A 123 14.97 16.70 -2.06
N ILE A 124 14.87 15.67 -2.90
CA ILE A 124 15.21 15.85 -4.32
C ILE A 124 13.91 16.21 -5.04
N SER A 125 13.94 17.36 -5.71
CA SER A 125 12.79 17.82 -6.52
C SER A 125 13.24 17.99 -7.98
N THR A 126 12.47 18.72 -8.77
CA THR A 126 12.60 18.67 -10.24
C THR A 126 12.41 20.05 -10.85
N SER A 127 13.08 20.29 -11.95
CA SER A 127 12.89 21.50 -12.80
C SER A 127 11.44 21.56 -13.32
N SER A 128 10.72 20.44 -13.34
CA SER A 128 9.32 20.40 -13.81
C SER A 128 8.40 21.24 -12.91
N VAL A 129 8.81 21.64 -11.71
CA VAL A 129 7.93 22.51 -10.87
C VAL A 129 7.82 23.89 -11.53
N TYR A 130 8.83 24.32 -12.29
CA TYR A 130 8.84 25.68 -12.87
C TYR A 130 7.76 25.85 -13.94
N GLY A 131 7.49 24.80 -14.71
CA GLY A 131 6.59 24.89 -15.87
C GLY A 131 7.31 25.53 -17.03
N GLU A 132 6.60 26.40 -17.74
CA GLU A 132 7.12 27.04 -18.97
C GLU A 132 7.69 28.41 -18.57
N LYS A 133 9.00 28.52 -18.50
CA LYS A 133 9.70 29.77 -18.16
C LYS A 133 10.71 30.04 -19.25
N SER A 134 11.06 31.31 -19.38
CA SER A 134 12.06 31.81 -20.34
C SER A 134 13.29 32.26 -19.55
N GLY A 135 14.46 32.11 -20.14
CA GLY A 135 15.76 32.45 -19.54
C GLY A 135 16.17 31.38 -18.55
N ALA A 136 17.32 31.55 -17.91
CA ALA A 136 17.82 30.64 -16.87
C ALA A 136 16.99 30.89 -15.60
N VAL A 137 16.29 29.87 -15.07
CA VAL A 137 15.36 30.05 -13.93
C VAL A 137 16.13 29.99 -12.60
N SER A 138 15.81 30.90 -11.71
CA SER A 138 16.39 30.95 -10.35
C SER A 138 15.33 30.44 -9.37
N GLU A 139 15.78 30.03 -8.21
CA GLU A 139 14.96 29.33 -7.18
C GLU A 139 13.89 30.23 -6.55
N ASP A 140 13.94 31.55 -6.72
CA ASP A 140 12.92 32.48 -6.12
C ASP A 140 11.71 32.64 -7.06
N LEU A 141 11.73 32.06 -8.27
CA LEU A 141 10.66 32.21 -9.29
C LEU A 141 9.39 31.52 -8.82
N LEU A 142 8.24 32.13 -9.09
CA LEU A 142 6.92 31.54 -8.76
C LEU A 142 6.73 30.31 -9.65
N PRO A 143 6.70 29.09 -9.08
CA PRO A 143 6.58 27.89 -9.90
C PRO A 143 5.12 27.64 -10.25
N ILE A 144 4.85 27.37 -11.52
CA ILE A 144 3.52 26.96 -12.05
C ILE A 144 3.72 25.73 -12.95
N PRO A 145 3.61 24.50 -12.39
CA PRO A 145 3.83 23.32 -13.20
C PRO A 145 2.88 23.18 -14.40
N LEU A 146 3.35 22.50 -15.45
CA LEU A 146 2.56 22.23 -16.69
C LEU A 146 1.98 20.82 -16.65
N SER A 147 2.37 19.95 -15.72
CA SER A 147 1.98 18.52 -15.72
C SER A 147 1.47 18.11 -14.33
N PRO A 148 0.52 17.15 -14.24
CA PRO A 148 0.11 16.61 -12.95
C PRO A 148 1.33 16.12 -12.16
N PHE A 149 2.27 15.46 -12.82
CA PHE A 149 3.55 15.03 -12.20
C PHE A 149 4.22 16.21 -11.47
N GLY A 150 4.43 17.32 -12.20
CA GLY A 150 5.11 18.50 -11.64
C GLY A 150 4.36 19.09 -10.45
N VAL A 151 3.02 19.07 -10.46
CA VAL A 151 2.18 19.45 -9.28
C VAL A 151 2.55 18.57 -8.08
N THR A 152 2.61 17.24 -8.22
CA THR A 152 2.83 16.34 -7.07
C THR A 152 4.25 16.59 -6.51
N LYS A 153 5.22 16.82 -7.36
CA LYS A 153 6.59 17.13 -6.87
C LYS A 153 6.59 18.47 -6.12
N LEU A 154 5.89 19.48 -6.65
CA LEU A 154 5.87 20.79 -6.01
C LEU A 154 5.15 20.64 -4.66
N SER A 155 4.12 19.79 -4.54
CA SER A 155 3.46 19.52 -3.24
C SER A 155 4.42 18.90 -2.24
N GLY A 156 5.30 18.01 -2.69
CA GLY A 156 6.30 17.43 -1.80
C GLY A 156 7.24 18.51 -1.28
N GLU A 157 7.68 19.44 -2.12
CA GLU A 157 8.49 20.60 -1.68
C GLU A 157 7.74 21.39 -0.62
N HIS A 158 6.45 21.65 -0.85
CA HIS A 158 5.66 22.46 0.10
C HIS A 158 5.54 21.71 1.42
N LEU A 159 5.40 20.38 1.42
CA LEU A 159 5.37 19.59 2.69
C LEU A 159 6.69 19.80 3.44
N CYS A 160 7.82 19.76 2.75
CA CYS A 160 9.16 20.04 3.36
C CYS A 160 9.13 21.39 4.10
N HIS A 161 8.67 22.47 3.46
CA HIS A 161 8.59 23.80 4.12
C HIS A 161 7.66 23.72 5.34
N VAL A 162 6.52 23.04 5.23
CA VAL A 162 5.57 22.97 6.37
C VAL A 162 6.28 22.32 7.57
N TYR A 163 7.00 21.22 7.36
CA TYR A 163 7.60 20.44 8.47
C TYR A 163 8.85 21.14 8.99
N HIS A 164 9.54 21.88 8.14
CA HIS A 164 10.66 22.76 8.56
C HIS A 164 10.14 23.87 9.49
N LYS A 165 9.16 24.65 9.07
CA LYS A 165 8.70 25.85 9.80
C LYS A 165 8.06 25.46 11.13
N ASN A 166 7.35 24.34 11.18
CA ASN A 166 6.54 23.92 12.33
C ASN A 166 7.36 23.07 13.28
N PHE A 167 8.25 22.21 12.77
CA PHE A 167 8.90 21.14 13.57
C PHE A 167 10.43 21.14 13.44
N HIS A 168 10.99 22.10 12.73
CA HIS A 168 12.45 22.36 12.63
C HIS A 168 13.13 21.17 11.94
N ILE A 169 12.42 20.42 11.09
CA ILE A 169 13.06 19.37 10.25
C ILE A 169 14.05 20.10 9.34
N PRO A 170 15.35 19.75 9.37
CA PRO A 170 16.37 20.53 8.66
C PRO A 170 16.40 20.26 7.15
N ILE A 171 15.42 20.79 6.42
CA ILE A 171 15.21 20.43 4.99
C ILE A 171 16.15 21.25 4.10
N VAL A 172 16.58 20.62 3.01
CA VAL A 172 17.31 21.25 1.88
C VAL A 172 16.64 20.67 0.65
N ILE A 173 16.29 21.51 -0.31
CA ILE A 173 15.62 21.05 -1.55
C ILE A 173 16.59 21.24 -2.71
N LEU A 174 16.90 20.13 -3.38
CA LEU A 174 17.66 20.16 -4.65
C LEU A 174 16.71 19.98 -5.83
N ARG A 175 16.75 20.91 -6.81
CA ARG A 175 15.94 20.77 -8.05
C ARG A 175 16.90 20.36 -9.16
N TYR A 176 16.85 19.08 -9.55
CA TYR A 176 17.61 18.55 -10.69
C TYR A 176 16.96 18.92 -12.03
N PHE A 177 17.80 19.08 -13.04
CA PHE A 177 17.44 19.34 -14.45
C PHE A 177 17.88 18.15 -15.32
N THR A 178 16.91 17.47 -15.93
CA THR A 178 17.07 16.34 -16.90
C THR A 178 18.44 15.65 -16.78
N VAL A 179 18.48 14.68 -15.91
CA VAL A 179 19.73 13.92 -15.64
C VAL A 179 19.83 12.76 -16.63
N TYR A 180 21.05 12.49 -17.09
CA TYR A 180 21.36 11.44 -18.06
C TYR A 180 22.70 10.82 -17.71
N GLY A 181 22.95 9.71 -18.40
CA GLY A 181 24.21 8.94 -18.27
C GLY A 181 23.88 7.47 -18.08
N PRO A 182 24.92 6.68 -17.77
CA PRO A 182 24.74 5.27 -17.40
C PRO A 182 23.62 5.12 -16.36
N ARG A 183 22.75 4.14 -16.61
CA ARG A 183 21.64 3.73 -15.73
C ARG A 183 20.44 4.67 -15.89
N GLN A 184 20.48 5.59 -16.85
CA GLN A 184 19.32 6.46 -17.10
C GLN A 184 18.08 5.58 -17.28
N ARG A 185 16.95 5.99 -16.73
CA ARG A 185 15.65 5.25 -16.84
C ARG A 185 15.31 5.02 -18.31
N PRO A 186 14.69 3.86 -18.66
CA PRO A 186 14.27 3.55 -20.03
C PRO A 186 13.11 4.37 -20.62
N ASP A 187 12.44 5.19 -19.80
CA ASP A 187 11.40 6.11 -20.31
C ASP A 187 12.02 7.43 -20.77
N MET A 188 13.26 7.74 -20.40
CA MET A 188 13.82 9.08 -20.76
C MET A 188 14.32 9.10 -22.21
N ALA A 189 14.51 10.30 -22.79
CA ALA A 189 14.77 10.50 -24.23
C ALA A 189 16.06 9.78 -24.66
N PHE A 190 17.18 10.02 -23.99
CA PHE A 190 18.48 9.48 -24.42
C PHE A 190 18.44 7.94 -24.42
N HIS A 191 17.90 7.33 -23.37
CA HIS A 191 17.80 5.86 -23.30
C HIS A 191 17.01 5.37 -24.52
N ARG A 192 15.85 5.95 -24.78
CA ARG A 192 14.94 5.57 -25.89
C ARG A 192 15.64 5.78 -27.24
N LEU A 193 16.22 6.94 -27.45
CA LEU A 193 16.82 7.29 -28.75
C LEU A 193 18.02 6.38 -28.99
N ILE A 194 18.86 6.15 -27.98
CA ILE A 194 20.05 5.26 -28.12
C ILE A 194 19.58 3.82 -28.40
N LYS A 195 18.61 3.31 -27.65
CA LYS A 195 18.06 1.95 -27.87
C LYS A 195 17.54 1.85 -29.32
N GLN A 196 16.77 2.83 -29.78
CA GLN A 196 16.22 2.87 -31.17
C GLN A 196 17.37 2.83 -32.18
N MET A 197 18.40 3.65 -32.01
CA MET A 197 19.55 3.70 -32.95
C MET A 197 20.28 2.35 -32.93
N LEU A 198 20.55 1.79 -31.74
CA LEU A 198 21.20 0.45 -31.60
C LEU A 198 20.42 -0.62 -32.38
N GLU A 199 19.09 -0.59 -32.30
CA GLU A 199 18.18 -1.62 -32.88
C GLU A 199 17.83 -1.32 -34.34
N ASP A 200 18.40 -0.24 -34.92
CA ASP A 200 18.10 0.25 -36.28
C ASP A 200 16.59 0.48 -36.42
N LYS A 201 15.94 1.04 -35.39
CA LYS A 201 14.51 1.44 -35.42
C LYS A 201 14.45 2.96 -35.58
N PRO A 202 13.30 3.49 -36.02
CA PRO A 202 13.10 4.93 -36.09
C PRO A 202 13.23 5.60 -34.72
N LEU A 203 13.89 6.76 -34.68
CA LEU A 203 14.01 7.57 -33.45
C LEU A 203 12.70 8.35 -33.26
N THR A 204 12.08 8.28 -32.08
CA THR A 204 10.78 8.93 -31.80
C THR A 204 11.06 10.33 -31.25
N ILE A 205 10.62 11.36 -31.98
CA ILE A 205 10.73 12.79 -31.59
C ILE A 205 9.33 13.32 -31.31
N PHE A 206 9.10 13.86 -30.11
CA PHE A 206 7.83 14.50 -29.72
C PHE A 206 7.94 15.96 -30.14
N GLY A 207 6.94 16.43 -30.89
CA GLY A 207 6.97 17.77 -31.49
C GLY A 207 8.02 17.82 -32.58
N ASP A 208 8.68 18.95 -32.79
CA ASP A 208 9.58 19.13 -33.95
C ASP A 208 11.05 18.90 -33.57
N GLY A 209 11.36 18.58 -32.31
CA GLY A 209 12.73 18.26 -31.89
C GLY A 209 13.54 19.50 -31.56
N THR A 210 12.97 20.70 -31.68
CA THR A 210 13.68 21.98 -31.37
C THR A 210 13.57 22.28 -29.87
N GLN A 211 12.80 21.50 -29.12
CA GLN A 211 12.74 21.72 -27.65
C GLN A 211 14.15 21.56 -27.09
N THR A 212 14.48 22.30 -26.04
CA THR A 212 15.82 22.24 -25.40
C THR A 212 15.68 21.84 -23.93
N ARG A 213 16.74 21.24 -23.40
CA ARG A 213 16.82 20.94 -21.96
C ARG A 213 18.22 21.31 -21.47
N ASP A 214 18.27 21.63 -20.19
CA ASP A 214 19.51 21.72 -19.41
C ASP A 214 19.82 20.29 -18.96
N PHE A 215 20.56 19.54 -19.76
CA PHE A 215 20.89 18.13 -19.47
C PHE A 215 22.04 18.09 -18.46
N THR A 216 21.84 17.35 -17.38
CA THR A 216 22.83 17.25 -16.28
C THR A 216 23.41 15.84 -16.30
N TYR A 217 24.72 15.74 -16.56
CA TYR A 217 25.39 14.42 -16.50
C TYR A 217 25.29 13.88 -15.07
N ILE A 218 25.04 12.58 -14.94
CA ILE A 218 24.85 11.90 -13.62
C ILE A 218 26.03 12.24 -12.69
N ASP A 219 27.28 12.19 -13.14
CA ASP A 219 28.42 12.45 -12.22
C ASP A 219 28.33 13.88 -11.68
N ASP A 220 27.91 14.85 -12.49
CA ASP A 220 27.79 16.27 -12.05
C ASP A 220 26.68 16.36 -10.99
N CYS A 221 25.54 15.73 -11.28
CA CYS A 221 24.38 15.65 -10.39
C CYS A 221 24.82 15.10 -9.02
N ILE A 222 25.52 13.98 -9.01
CA ILE A 222 25.95 13.34 -7.75
C ILE A 222 26.96 14.24 -7.00
N ARG A 223 27.89 14.88 -7.69
CA ARG A 223 28.85 15.79 -7.01
C ARG A 223 28.10 16.92 -6.28
N GLY A 224 27.18 17.61 -6.95
CA GLY A 224 26.29 18.61 -6.31
C GLY A 224 25.52 18.02 -5.11
N THR A 225 24.97 16.81 -5.27
CA THR A 225 24.11 16.17 -4.25
C THR A 225 24.96 15.85 -3.02
N VAL A 226 26.16 15.32 -3.23
CA VAL A 226 27.07 14.95 -2.09
C VAL A 226 27.58 16.26 -1.46
N ALA A 227 27.81 17.32 -2.24
CA ALA A 227 28.20 18.65 -1.70
C ALA A 227 27.13 19.18 -0.71
N ALA A 228 25.83 18.91 -0.92
CA ALA A 228 24.75 19.40 -0.05
C ALA A 228 24.86 18.77 1.34
N LEU A 229 25.31 17.52 1.45
CA LEU A 229 25.53 16.87 2.78
C LEU A 229 26.84 17.42 3.37
N GLU A 230 27.89 17.48 2.58
CA GLU A 230 29.26 17.71 3.11
C GLU A 230 29.51 19.17 3.51
N THR A 231 28.64 20.11 3.15
CA THR A 231 28.83 21.54 3.53
C THR A 231 28.40 21.71 5.00
N LYS A 232 29.18 22.47 5.75
CA LYS A 232 28.94 22.81 7.17
C LYS A 232 28.10 24.09 7.24
N LYS A 233 27.99 24.84 6.14
CA LYS A 233 27.36 26.18 6.14
C LYS A 233 25.85 25.97 6.19
N ASN A 234 25.10 26.98 6.64
CA ASN A 234 23.65 26.81 6.93
C ASN A 234 22.88 26.99 5.62
N ILE A 235 22.59 25.87 4.96
CA ILE A 235 21.79 25.86 3.71
C ILE A 235 20.39 25.35 4.05
N ILE A 236 20.04 25.26 5.35
CA ILE A 236 18.73 24.71 5.81
C ILE A 236 17.63 25.67 5.37
N GLY A 237 16.59 25.14 4.75
CA GLY A 237 15.50 25.96 4.20
C GLY A 237 15.73 26.35 2.76
N GLU A 238 16.90 26.11 2.18
CA GLU A 238 17.23 26.62 0.83
C GLU A 238 16.73 25.64 -0.25
N VAL A 239 16.24 26.20 -1.34
CA VAL A 239 16.01 25.50 -2.63
C VAL A 239 17.21 25.81 -3.53
N ILE A 240 17.83 24.78 -4.08
CA ILE A 240 19.05 24.86 -4.94
C ILE A 240 18.83 24.10 -6.25
N ASN A 241 18.93 24.81 -7.38
CA ASN A 241 19.00 24.24 -8.73
C ASN A 241 20.31 23.49 -8.94
N ILE A 242 20.22 22.27 -9.46
CA ILE A 242 21.40 21.51 -9.96
C ILE A 242 21.20 21.25 -11.46
N GLY A 243 21.97 21.96 -12.30
CA GLY A 243 21.90 21.85 -13.76
C GLY A 243 23.24 21.49 -14.39
N GLY A 244 23.23 21.34 -15.71
CA GLY A 244 24.30 20.69 -16.48
C GLY A 244 25.25 21.68 -17.12
N LYS A 245 26.28 21.17 -17.79
CA LYS A 245 27.36 21.96 -18.43
C LYS A 245 26.80 22.63 -19.69
N GLU A 246 25.90 21.94 -20.44
CA GLU A 246 25.55 22.32 -21.84
C GLU A 246 24.06 22.05 -22.09
N GLN A 247 23.29 23.06 -22.51
CA GLN A 247 21.89 22.85 -22.95
C GLN A 247 21.93 22.47 -24.41
N ALA A 248 20.93 21.74 -24.88
CA ALA A 248 20.88 21.30 -26.29
C ALA A 248 19.43 20.95 -26.65
N SER A 249 19.15 20.94 -27.94
CA SER A 249 17.86 20.49 -28.53
C SER A 249 17.91 18.98 -28.74
N ILE A 250 16.76 18.35 -28.90
CA ILE A 250 16.72 16.91 -29.24
C ILE A 250 17.35 16.68 -30.61
N LEU A 251 17.16 17.60 -31.58
CA LEU A 251 17.83 17.46 -32.91
C LEU A 251 19.35 17.54 -32.72
N ASP A 252 19.87 18.44 -31.88
CA ASP A 252 21.31 18.53 -31.56
C ASP A 252 21.78 17.17 -31.02
N ILE A 253 21.05 16.62 -30.06
CA ILE A 253 21.44 15.34 -29.43
C ILE A 253 21.53 14.25 -30.50
N ILE A 254 20.51 14.16 -31.35
CA ILE A 254 20.44 13.10 -32.38
C ILE A 254 21.67 13.23 -33.29
N SER A 255 22.09 14.45 -33.66
CA SER A 255 23.34 14.68 -34.43
C SER A 255 24.53 14.06 -33.71
N MET A 256 24.59 14.21 -32.39
CA MET A 256 25.75 13.75 -31.60
C MET A 256 25.73 12.23 -31.52
N LEU A 257 24.55 11.62 -31.42
CA LEU A 257 24.40 10.15 -31.41
C LEU A 257 24.86 9.58 -32.76
N GLU A 258 24.49 10.21 -33.87
CA GLU A 258 24.93 9.84 -35.25
C GLU A 258 26.45 9.81 -35.30
N LYS A 259 27.14 10.81 -34.72
CA LYS A 259 28.62 10.86 -34.77
C LYS A 259 29.21 9.76 -33.90
N ILE A 260 28.54 9.35 -32.82
CA ILE A 260 29.04 8.26 -31.93
C ILE A 260 28.86 6.91 -32.61
N SER A 261 27.69 6.67 -33.20
CA SER A 261 27.36 5.34 -33.78
C SER A 261 27.91 5.18 -35.22
N GLY A 262 28.22 6.29 -35.90
CA GLY A 262 28.47 6.30 -37.37
C GLY A 262 27.29 5.75 -38.14
N LYS A 263 26.08 5.87 -37.61
CA LYS A 263 24.83 5.50 -38.30
C LYS A 263 24.02 6.76 -38.52
N SER A 264 23.10 6.73 -39.49
CA SER A 264 22.13 7.82 -39.75
C SER A 264 20.81 7.46 -39.04
N ALA A 265 20.22 8.42 -38.35
CA ALA A 265 18.90 8.28 -37.71
C ALA A 265 17.79 8.37 -38.77
N THR A 266 16.90 7.37 -38.79
CA THR A 266 15.50 7.43 -39.27
C THR A 266 14.67 8.12 -38.18
N LYS A 267 13.89 9.15 -38.54
CA LYS A 267 13.13 10.01 -37.58
C LYS A 267 11.62 9.85 -37.81
N ASN A 268 10.89 9.52 -36.74
CA ASN A 268 9.41 9.61 -36.65
C ASN A 268 9.05 10.80 -35.74
N PHE A 269 8.44 11.86 -36.29
CA PHE A 269 7.94 13.02 -35.50
C PHE A 269 6.51 12.74 -35.05
N LEU A 270 6.30 12.71 -33.73
CA LEU A 270 4.99 12.49 -33.09
C LEU A 270 4.44 13.84 -32.61
N LYS A 271 3.14 13.89 -32.29
CA LYS A 271 2.50 15.06 -31.61
C LYS A 271 3.28 15.38 -30.33
N SER A 272 3.51 16.66 -30.05
CA SER A 272 3.98 17.15 -28.72
C SER A 272 3.12 16.47 -27.64
N VAL A 273 3.72 16.18 -26.49
CA VAL A 273 3.00 15.55 -25.35
C VAL A 273 2.55 16.69 -24.45
N PRO A 274 1.23 16.82 -24.17
CA PRO A 274 0.76 17.76 -23.15
C PRO A 274 1.63 17.63 -21.89
N GLY A 275 1.98 18.77 -21.29
CA GLY A 275 2.55 18.83 -19.94
C GLY A 275 4.04 19.04 -19.99
N GLU A 276 4.62 19.12 -21.18
CA GLU A 276 6.09 19.28 -21.35
C GLU A 276 6.40 20.71 -21.77
N PRO A 277 7.39 21.36 -21.13
CA PRO A 277 7.85 22.67 -21.58
C PRO A 277 8.71 22.57 -22.84
N LYS A 278 8.78 23.65 -23.63
CA LYS A 278 9.62 23.72 -24.84
C LYS A 278 11.09 23.92 -24.43
N GLN A 279 11.37 24.45 -23.24
CA GLN A 279 12.77 24.76 -22.85
C GLN A 279 12.92 24.59 -21.34
N THR A 280 14.06 24.10 -20.88
CA THR A 280 14.49 24.23 -19.47
C THR A 280 15.93 24.73 -19.54
N TRP A 281 16.24 25.52 -18.53
CA TRP A 281 17.50 26.26 -18.43
C TRP A 281 17.67 26.68 -16.98
N ALA A 282 18.66 26.12 -16.29
CA ALA A 282 18.89 26.40 -14.84
C ALA A 282 19.78 27.62 -14.70
N ASP A 283 19.46 28.50 -13.75
CA ASP A 283 20.47 29.39 -13.12
C ASP A 283 21.09 28.61 -11.96
N ILE A 284 22.38 28.29 -12.07
CA ILE A 284 23.09 27.47 -11.06
C ILE A 284 24.03 28.34 -10.21
N SER A 285 23.87 29.66 -10.23
CA SER A 285 24.68 30.62 -9.42
C SER A 285 24.56 30.29 -7.93
N LYS A 286 23.37 29.96 -7.44
CA LYS A 286 23.14 29.58 -6.02
C LYS A 286 23.93 28.31 -5.68
N ALA A 287 23.89 27.25 -6.49
CA ALA A 287 24.67 26.01 -6.24
C ALA A 287 26.18 26.35 -6.23
N SER A 288 26.60 27.22 -7.12
CA SER A 288 28.02 27.66 -7.24
C SER A 288 28.46 28.32 -5.94
N THR A 289 27.57 29.11 -5.32
CA THR A 289 27.86 29.91 -4.10
C THR A 289 27.75 29.02 -2.85
N LEU A 290 26.76 28.14 -2.80
CA LEU A 290 26.48 27.38 -1.54
C LEU A 290 27.21 26.05 -1.52
N LEU A 291 27.44 25.42 -2.68
CA LEU A 291 27.96 24.03 -2.77
C LEU A 291 29.29 23.97 -3.52
N GLN A 292 29.80 25.11 -3.96
CA GLN A 292 30.97 25.19 -4.90
C GLN A 292 30.71 24.27 -6.09
N TYR A 293 29.48 24.26 -6.60
CA TYR A 293 29.05 23.38 -7.70
C TYR A 293 29.47 23.98 -9.04
N SER A 294 30.11 23.17 -9.88
CA SER A 294 30.42 23.49 -11.30
C SER A 294 30.36 22.20 -12.12
N PRO A 295 29.42 22.06 -13.08
CA PRO A 295 29.36 20.87 -13.91
C PRO A 295 30.55 20.85 -14.88
N THR A 296 31.18 19.68 -15.07
CA THR A 296 32.42 19.58 -15.88
C THR A 296 32.29 18.58 -17.03
N VAL A 297 31.19 17.82 -17.14
CA VAL A 297 31.10 16.77 -18.19
C VAL A 297 30.34 17.31 -19.40
N SER A 298 31.03 17.35 -20.54
CA SER A 298 30.45 17.75 -21.85
C SER A 298 29.46 16.68 -22.30
N LEU A 299 28.51 17.07 -23.16
CA LEU A 299 27.48 16.16 -23.72
C LEU A 299 28.14 15.07 -24.56
N SER A 300 29.17 15.37 -25.36
CA SER A 300 29.80 14.34 -26.24
C SER A 300 30.38 13.22 -25.36
N ASP A 301 31.07 13.57 -24.26
CA ASP A 301 31.63 12.59 -23.29
C ASP A 301 30.48 11.86 -22.58
N GLY A 302 29.48 12.59 -22.10
CA GLY A 302 28.36 12.02 -21.34
C GLY A 302 27.53 11.07 -22.19
N LEU A 303 27.22 11.45 -23.42
CA LEU A 303 26.43 10.61 -24.36
C LEU A 303 27.20 9.36 -24.73
N GLU A 304 28.52 9.43 -24.87
CA GLU A 304 29.32 8.23 -25.24
C GLU A 304 29.26 7.26 -24.07
N ALA A 305 29.30 7.74 -22.83
CA ALA A 305 29.18 6.89 -21.62
C ALA A 305 27.79 6.23 -21.60
N GLU A 306 26.74 6.98 -21.85
CA GLU A 306 25.37 6.37 -21.83
C GLU A 306 25.22 5.37 -22.97
N TYR A 307 25.73 5.68 -24.16
CA TYR A 307 25.64 4.82 -25.36
C TYR A 307 26.28 3.47 -25.04
N ASP A 308 27.48 3.52 -24.46
CA ASP A 308 28.25 2.34 -24.00
C ASP A 308 27.42 1.54 -22.98
N TYR A 309 26.80 2.22 -22.02
CA TYR A 309 25.98 1.51 -21.01
C TYR A 309 24.81 0.82 -21.69
N ILE A 310 24.06 1.54 -22.55
CA ILE A 310 22.82 1.00 -23.20
C ILE A 310 23.20 -0.20 -24.08
N LYS A 311 24.29 -0.09 -24.84
CA LYS A 311 24.71 -1.19 -25.74
C LYS A 311 24.94 -2.48 -24.92
N GLN A 312 25.72 -2.36 -23.84
CA GLN A 312 26.07 -3.45 -22.90
C GLN A 312 24.81 -3.98 -22.23
N LEU A 313 23.88 -3.09 -21.86
CA LEU A 313 22.64 -3.50 -21.17
C LEU A 313 21.88 -4.50 -22.04
N TYR A 314 21.71 -4.18 -23.32
CA TYR A 314 20.83 -4.92 -24.27
C TYR A 314 21.72 -5.82 -25.15
N MET B 1 -31.10 -12.56 -8.96
CA MET B 1 -29.95 -13.45 -9.19
C MET B 1 -29.69 -14.32 -7.95
N LYS B 2 -28.77 -15.27 -8.04
CA LYS B 2 -28.70 -16.32 -7.01
C LYS B 2 -27.35 -16.34 -6.30
N ILE B 3 -27.38 -16.31 -4.98
CA ILE B 3 -26.16 -16.10 -4.14
C ILE B 3 -26.02 -17.32 -3.23
N LEU B 4 -24.84 -17.91 -3.23
CA LEU B 4 -24.48 -18.95 -2.24
C LEU B 4 -23.80 -18.27 -1.06
N VAL B 5 -24.28 -18.52 0.15
CA VAL B 5 -23.58 -18.05 1.37
C VAL B 5 -23.13 -19.28 2.13
N THR B 6 -21.82 -19.49 2.21
CA THR B 6 -21.32 -20.57 3.08
C THR B 6 -21.24 -20.07 4.52
N GLY B 7 -21.48 -20.97 5.49
CA GLY B 7 -21.49 -20.57 6.91
C GLY B 7 -22.68 -19.72 7.25
N ALA B 8 -23.82 -19.97 6.58
CA ALA B 8 -25.06 -19.15 6.70
C ALA B 8 -25.69 -19.23 8.10
N ALA B 9 -25.50 -20.30 8.85
CA ALA B 9 -26.13 -20.41 10.18
C ALA B 9 -25.27 -19.67 11.22
N GLY B 10 -24.10 -19.15 10.85
CA GLY B 10 -23.22 -18.54 11.86
C GLY B 10 -23.59 -17.11 12.20
N PHE B 11 -22.72 -16.45 12.97
CA PHE B 11 -22.92 -15.04 13.42
C PHE B 11 -23.03 -14.12 12.19
N ILE B 12 -21.96 -14.00 11.42
CA ILE B 12 -21.95 -13.00 10.31
C ILE B 12 -22.78 -13.51 9.14
N GLY B 13 -22.70 -14.81 8.83
CA GLY B 13 -23.44 -15.45 7.74
C GLY B 13 -24.93 -15.22 7.89
N SER B 14 -25.49 -15.36 9.10
CA SER B 14 -26.96 -15.26 9.27
C SER B 14 -27.39 -13.81 9.00
N HIS B 15 -26.61 -12.82 9.47
CA HIS B 15 -26.86 -11.38 9.23
C HIS B 15 -26.74 -11.05 7.76
N LEU B 16 -25.73 -11.61 7.11
CA LEU B 16 -25.53 -11.37 5.67
C LEU B 16 -26.76 -11.89 4.93
N CYS B 17 -27.18 -13.10 5.22
CA CYS B 17 -28.35 -13.69 4.53
C CYS B 17 -29.57 -12.79 4.71
N GLN B 18 -29.76 -12.28 5.91
CA GLN B 18 -30.95 -11.46 6.23
C GLN B 18 -30.90 -10.18 5.39
N ALA B 19 -29.75 -9.57 5.25
CA ALA B 19 -29.60 -8.33 4.47
C ALA B 19 -29.90 -8.60 3.00
N LEU B 20 -29.34 -9.67 2.43
CA LEU B 20 -29.52 -10.02 1.00
C LEU B 20 -31.01 -10.33 0.74
N LEU B 21 -31.65 -10.99 1.68
CA LEU B 21 -33.07 -11.38 1.51
C LEU B 21 -33.98 -10.14 1.55
N LYS B 22 -33.51 -8.97 2.00
CA LYS B 22 -34.32 -7.71 1.96
C LYS B 22 -34.54 -7.27 0.51
N ASN B 23 -33.67 -7.70 -0.40
CA ASN B 23 -33.73 -7.35 -1.85
C ASN B 23 -34.46 -8.47 -2.61
N SER B 24 -35.67 -8.23 -3.11
CA SER B 24 -36.51 -9.29 -3.75
C SER B 24 -35.87 -9.77 -5.06
N ALA B 25 -34.83 -9.08 -5.56
CA ALA B 25 -34.06 -9.53 -6.74
C ALA B 25 -33.18 -10.75 -6.41
N TYR B 26 -32.86 -10.96 -5.12
CA TYR B 26 -31.84 -11.95 -4.68
C TYR B 26 -32.54 -13.23 -4.20
N HIS B 27 -32.11 -14.38 -4.72
CA HIS B 27 -32.40 -15.71 -4.13
C HIS B 27 -31.13 -16.13 -3.40
N VAL B 28 -31.26 -16.75 -2.23
CA VAL B 28 -30.09 -17.08 -1.38
C VAL B 28 -30.14 -18.56 -1.04
N VAL B 29 -29.00 -19.24 -1.24
CA VAL B 29 -28.76 -20.60 -0.74
C VAL B 29 -27.73 -20.46 0.37
N GLY B 30 -28.07 -20.96 1.57
CA GLY B 30 -27.17 -21.06 2.72
C GLY B 30 -26.74 -22.48 2.91
N ILE B 31 -25.44 -22.70 3.11
CA ILE B 31 -24.94 -24.04 3.49
C ILE B 31 -24.19 -23.93 4.79
N ASP B 32 -24.45 -24.85 5.69
CA ASP B 32 -23.85 -24.86 7.03
C ASP B 32 -23.97 -26.27 7.60
N HIS B 33 -22.89 -26.70 8.22
CA HIS B 33 -22.64 -28.02 8.82
C HIS B 33 -22.86 -27.99 10.35
N PHE B 34 -23.11 -26.83 10.95
CA PHE B 34 -23.28 -26.65 12.43
C PHE B 34 -22.05 -27.15 13.19
N ILE B 35 -20.88 -26.62 12.88
CA ILE B 35 -19.62 -27.00 13.60
C ILE B 35 -18.99 -25.71 14.14
N GLY B 36 -17.88 -25.82 14.85
CA GLY B 36 -17.15 -24.67 15.37
C GLY B 36 -17.61 -24.34 16.78
N PRO B 37 -17.21 -23.16 17.31
CA PRO B 37 -17.33 -22.87 18.74
C PRO B 37 -18.76 -22.58 19.21
N THR B 38 -19.65 -22.15 18.33
CA THR B 38 -21.06 -21.83 18.68
C THR B 38 -21.92 -23.08 18.67
N PRO B 39 -22.44 -23.51 19.85
CA PRO B 39 -23.40 -24.61 19.94
C PRO B 39 -24.58 -24.53 18.96
N ALA B 40 -24.97 -25.71 18.48
CA ALA B 40 -25.97 -25.95 17.42
C ALA B 40 -27.29 -25.24 17.73
N THR B 41 -27.68 -25.13 19.00
CA THR B 41 -28.98 -24.53 19.44
C THR B 41 -29.10 -23.08 18.98
N LEU B 42 -28.03 -22.28 19.02
CA LEU B 42 -28.08 -20.85 18.62
C LEU B 42 -28.11 -20.73 17.08
N LYS B 43 -27.44 -21.64 16.38
CA LYS B 43 -27.46 -21.68 14.89
C LYS B 43 -28.86 -22.09 14.41
N THR B 44 -29.54 -22.98 15.14
CA THR B 44 -30.90 -23.43 14.72
C THR B 44 -31.79 -22.19 14.65
N GLY B 45 -31.69 -21.29 15.64
CA GLY B 45 -32.46 -20.04 15.67
C GLY B 45 -32.15 -19.21 14.43
N ASN B 46 -30.86 -19.05 14.11
CA ASN B 46 -30.40 -18.28 12.92
C ASN B 46 -31.11 -18.81 11.67
N ILE B 47 -31.07 -20.12 11.43
CA ILE B 47 -31.61 -20.69 10.16
C ILE B 47 -33.13 -20.52 10.16
N GLN B 48 -33.77 -20.64 11.32
CA GLN B 48 -35.24 -20.46 11.48
C GLN B 48 -35.65 -19.06 11.01
N SER B 49 -34.90 -18.04 11.41
CA SER B 49 -35.11 -16.65 10.97
C SER B 49 -35.04 -16.57 9.43
N LEU B 50 -34.05 -17.22 8.82
CA LEU B 50 -33.80 -17.11 7.36
C LEU B 50 -34.90 -17.88 6.61
N GLU B 51 -35.36 -19.01 7.16
CA GLU B 51 -36.32 -19.89 6.47
C GLU B 51 -37.74 -19.28 6.52
N LEU B 52 -37.97 -18.18 7.24
CA LEU B 52 -39.22 -17.39 7.09
C LEU B 52 -39.36 -16.90 5.63
N ASN B 53 -38.25 -16.65 4.94
CA ASN B 53 -38.26 -16.03 3.60
C ASN B 53 -38.31 -17.11 2.51
N SER B 54 -39.27 -17.02 1.56
CA SER B 54 -39.50 -18.00 0.45
C SER B 54 -38.31 -18.04 -0.53
N ARG B 55 -37.46 -17.03 -0.53
CA ARG B 55 -36.33 -16.93 -1.48
C ARG B 55 -35.04 -17.44 -0.82
N PHE B 56 -35.15 -18.12 0.33
CA PHE B 56 -34.00 -18.76 1.02
C PHE B 56 -34.10 -20.27 0.89
N GLN B 57 -32.98 -20.93 0.52
CA GLN B 57 -32.86 -22.41 0.52
C GLN B 57 -31.74 -22.74 1.51
N PHE B 58 -32.01 -23.61 2.49
CA PHE B 58 -30.99 -24.08 3.46
C PHE B 58 -30.50 -25.48 3.10
N ILE B 59 -29.18 -25.66 3.04
CA ILE B 59 -28.52 -26.98 2.86
C ILE B 59 -27.71 -27.27 4.12
N ARG B 60 -28.13 -28.29 4.88
CA ARG B 60 -27.43 -28.70 6.10
C ARG B 60 -26.44 -29.81 5.70
N GLU B 61 -25.22 -29.42 5.34
CA GLU B 61 -24.21 -30.36 4.81
C GLU B 61 -22.83 -29.75 5.04
N ASP B 62 -21.86 -30.62 5.23
CA ASP B 62 -20.42 -30.28 5.10
C ASP B 62 -20.16 -29.90 3.65
N ILE B 63 -19.51 -28.77 3.40
CA ILE B 63 -19.07 -28.38 2.03
C ILE B 63 -18.21 -29.51 1.42
N LEU B 64 -17.41 -30.23 2.22
CA LEU B 64 -16.53 -31.32 1.70
C LEU B 64 -17.35 -32.60 1.41
N ASN B 65 -18.65 -32.59 1.66
CA ASN B 65 -19.55 -33.75 1.38
C ASN B 65 -20.71 -33.30 0.47
N THR B 66 -20.54 -32.19 -0.24
CA THR B 66 -21.60 -31.63 -1.11
C THR B 66 -21.21 -31.82 -2.56
N ASP B 67 -22.19 -32.05 -3.42
CA ASP B 67 -21.96 -32.08 -4.89
C ASP B 67 -21.81 -30.63 -5.36
N LEU B 68 -20.61 -30.08 -5.29
CA LEU B 68 -20.40 -28.61 -5.50
C LEU B 68 -20.72 -28.23 -6.94
N SER B 69 -20.30 -29.05 -7.91
CA SER B 69 -20.62 -28.85 -9.36
C SER B 69 -22.12 -28.57 -9.52
N LYS B 70 -22.95 -29.43 -8.94
CA LYS B 70 -24.42 -29.35 -9.07
C LYS B 70 -24.96 -28.15 -8.29
N LEU B 71 -24.45 -27.93 -7.07
CA LEU B 71 -24.86 -26.79 -6.23
C LEU B 71 -24.61 -25.47 -6.98
N LEU B 72 -23.50 -25.33 -7.70
CA LEU B 72 -23.05 -24.01 -8.23
C LEU B 72 -23.59 -23.72 -9.64
N GLN B 73 -24.31 -24.65 -10.29
CA GLN B 73 -24.71 -24.47 -11.72
C GLN B 73 -25.49 -23.16 -11.89
N ASP B 74 -26.38 -22.81 -10.96
CA ASP B 74 -27.25 -21.61 -11.13
C ASP B 74 -26.84 -20.50 -10.15
N ILE B 75 -25.62 -20.54 -9.62
CA ILE B 75 -25.13 -19.51 -8.64
C ILE B 75 -24.38 -18.44 -9.43
N ASP B 76 -24.63 -17.18 -9.09
CA ASP B 76 -24.05 -15.98 -9.74
C ASP B 76 -22.98 -15.43 -8.84
N VAL B 77 -23.14 -15.57 -7.52
CA VAL B 77 -22.21 -14.94 -6.54
C VAL B 77 -22.01 -15.92 -5.41
N VAL B 78 -20.77 -16.09 -4.98
CA VAL B 78 -20.48 -16.87 -3.76
C VAL B 78 -19.97 -15.90 -2.71
N TYR B 79 -20.57 -15.96 -1.51
CA TYR B 79 -19.97 -15.37 -0.29
C TYR B 79 -19.44 -16.51 0.55
N HIS B 80 -18.12 -16.57 0.76
CA HIS B 80 -17.52 -17.72 1.48
C HIS B 80 -17.18 -17.29 2.91
N LEU B 81 -18.02 -17.64 3.87
CA LEU B 81 -17.85 -17.27 5.29
C LEU B 81 -17.54 -18.49 6.14
N ALA B 82 -17.82 -19.69 5.63
CA ALA B 82 -17.61 -20.94 6.38
C ALA B 82 -16.14 -21.04 6.80
N ALA B 83 -15.90 -21.27 8.09
CA ALA B 83 -14.56 -21.44 8.67
C ALA B 83 -14.72 -21.88 10.12
N ILE B 84 -13.62 -22.25 10.74
CA ILE B 84 -13.49 -22.36 12.22
C ILE B 84 -12.71 -21.12 12.67
N PRO B 85 -13.37 -20.22 13.43
CA PRO B 85 -12.82 -18.88 13.67
C PRO B 85 -12.00 -18.57 14.94
N GLY B 86 -11.96 -19.48 15.91
CA GLY B 86 -11.35 -19.17 17.23
C GLY B 86 -9.82 -18.99 17.21
N VAL B 87 -9.35 -17.78 17.48
CA VAL B 87 -7.90 -17.43 17.50
C VAL B 87 -7.19 -18.29 18.55
N ARG B 88 -7.86 -18.60 19.68
CA ARG B 88 -7.23 -19.11 20.94
C ARG B 88 -7.26 -20.65 21.05
N THR B 89 -8.10 -21.36 20.28
CA THR B 89 -8.24 -22.84 20.38
C THR B 89 -7.66 -23.53 19.12
N SER B 90 -6.58 -23.01 18.55
CA SER B 90 -5.99 -23.49 17.27
C SER B 90 -4.63 -24.16 17.51
N TRP B 91 -4.25 -24.45 18.76
CA TRP B 91 -2.95 -25.08 19.12
C TRP B 91 -3.05 -26.61 19.18
N GLY B 92 -1.91 -27.25 18.96
CA GLY B 92 -1.69 -28.70 19.18
C GLY B 92 -2.80 -29.53 18.56
N LYS B 93 -3.45 -30.36 19.37
CA LYS B 93 -4.46 -31.34 18.90
C LYS B 93 -5.65 -30.64 18.23
N ASP B 94 -5.86 -29.35 18.49
CA ASP B 94 -7.07 -28.62 18.01
C ASP B 94 -6.83 -28.07 16.58
N PHE B 95 -5.62 -28.17 16.03
CA PHE B 95 -5.27 -27.49 14.75
C PHE B 95 -5.91 -28.16 13.52
N GLN B 96 -6.04 -29.49 13.51
CA GLN B 96 -6.52 -30.24 12.31
C GLN B 96 -7.85 -29.70 11.76
N PRO B 97 -8.88 -29.45 12.61
CA PRO B 97 -10.16 -28.87 12.14
C PRO B 97 -10.04 -27.50 11.42
N TYR B 98 -9.04 -26.70 11.80
CA TYR B 98 -8.80 -25.39 11.13
C TYR B 98 -8.29 -25.66 9.71
N VAL B 99 -7.38 -26.62 9.56
CA VAL B 99 -6.77 -26.93 8.25
C VAL B 99 -7.85 -27.49 7.33
N THR B 100 -8.61 -28.45 7.82
CA THR B 100 -9.72 -29.06 7.05
C THR B 100 -10.72 -27.97 6.59
N ASN B 101 -11.19 -27.14 7.51
CA ASN B 101 -12.40 -26.32 7.24
C ASN B 101 -12.00 -24.94 6.74
N ASN B 102 -10.76 -24.52 6.91
CA ASN B 102 -10.32 -23.17 6.45
C ASN B 102 -9.49 -23.29 5.17
N ILE B 103 -8.71 -24.37 5.01
CA ILE B 103 -7.85 -24.60 3.82
C ILE B 103 -8.53 -25.56 2.84
N MET B 104 -8.79 -26.82 3.21
CA MET B 104 -9.35 -27.80 2.25
C MET B 104 -10.71 -27.31 1.71
N VAL B 105 -11.55 -26.75 2.56
CA VAL B 105 -12.89 -26.25 2.15
C VAL B 105 -12.77 -25.16 1.10
N THR B 106 -11.82 -24.23 1.29
CA THR B 106 -11.63 -23.10 0.36
C THR B 106 -11.11 -23.66 -0.98
N GLN B 107 -10.11 -24.55 -0.92
CA GLN B 107 -9.54 -25.17 -2.15
C GLN B 107 -10.66 -25.91 -2.90
N GLN B 108 -11.48 -26.67 -2.22
CA GLN B 108 -12.53 -27.46 -2.92
C GLN B 108 -13.58 -26.55 -3.57
N LEU B 109 -14.02 -25.50 -2.88
CA LEU B 109 -14.95 -24.50 -3.45
C LEU B 109 -14.36 -23.84 -4.69
N LEU B 110 -13.11 -23.38 -4.63
CA LEU B 110 -12.44 -22.75 -5.80
C LEU B 110 -12.36 -23.76 -6.96
N GLU B 111 -11.97 -25.02 -6.69
CA GLU B 111 -11.87 -26.07 -7.73
C GLU B 111 -13.23 -26.16 -8.44
N ALA B 112 -14.30 -26.12 -7.69
CA ALA B 112 -15.67 -26.29 -8.23
C ALA B 112 -16.06 -25.04 -9.02
N CYS B 113 -15.47 -23.88 -8.73
CA CYS B 113 -15.84 -22.59 -9.37
C CYS B 113 -15.03 -22.36 -10.65
N LYS B 114 -14.05 -23.21 -10.94
CA LYS B 114 -13.22 -23.09 -12.15
C LYS B 114 -14.06 -23.02 -13.43
N HIS B 115 -15.12 -23.83 -13.58
CA HIS B 115 -15.90 -23.88 -14.85
C HIS B 115 -17.31 -23.32 -14.69
N ILE B 116 -17.55 -22.55 -13.63
CA ILE B 116 -18.84 -21.85 -13.36
C ILE B 116 -18.66 -20.46 -13.95
N LYS B 117 -19.72 -19.81 -14.41
CA LYS B 117 -19.60 -18.41 -14.87
C LYS B 117 -20.02 -17.46 -13.73
N LEU B 118 -19.15 -17.22 -12.76
CA LEU B 118 -19.51 -16.40 -11.56
C LEU B 118 -19.31 -14.91 -11.86
N ASP B 119 -20.16 -14.09 -11.25
CA ASP B 119 -19.97 -12.61 -11.20
C ASP B 119 -18.83 -12.32 -10.21
N LYS B 120 -18.87 -12.92 -9.03
CA LYS B 120 -17.92 -12.62 -7.92
C LYS B 120 -17.83 -13.82 -6.96
N PHE B 121 -16.62 -14.09 -6.51
CA PHE B 121 -16.32 -15.03 -5.41
C PHE B 121 -15.80 -14.18 -4.28
N ILE B 122 -16.66 -13.92 -3.30
CA ILE B 122 -16.28 -12.97 -2.24
C ILE B 122 -15.86 -13.75 -1.01
N HIS B 123 -14.56 -13.75 -0.75
CA HIS B 123 -13.94 -14.57 0.30
C HIS B 123 -13.76 -13.74 1.58
N ILE B 124 -14.29 -14.22 2.70
CA ILE B 124 -14.17 -13.46 3.97
C ILE B 124 -12.92 -13.94 4.72
N SER B 125 -12.02 -13.01 4.99
CA SER B 125 -10.79 -13.26 5.77
C SER B 125 -10.81 -12.33 7.01
N THR B 126 -9.65 -12.12 7.61
CA THR B 126 -9.59 -11.65 9.01
C THR B 126 -8.37 -10.75 9.20
N SER B 127 -8.48 -9.80 10.09
CA SER B 127 -7.37 -8.91 10.53
C SER B 127 -6.29 -9.78 11.17
N SER B 128 -6.67 -10.99 11.61
CA SER B 128 -5.72 -11.96 12.23
C SER B 128 -4.59 -12.31 11.26
N VAL B 129 -4.73 -12.13 9.96
CA VAL B 129 -3.62 -12.50 9.04
C VAL B 129 -2.44 -11.53 9.25
N TYR B 130 -2.67 -10.28 9.69
CA TYR B 130 -1.58 -9.26 9.75
C TYR B 130 -0.56 -9.60 10.84
N GLY B 131 -1.03 -10.13 11.97
CA GLY B 131 -0.19 -10.34 13.16
C GLY B 131 -0.01 -9.04 13.91
N GLU B 132 1.18 -8.75 14.42
CA GLU B 132 1.46 -7.54 15.23
C GLU B 132 2.08 -6.43 14.37
N LYS B 133 1.34 -5.34 14.19
CA LYS B 133 1.77 -4.19 13.37
C LYS B 133 1.38 -2.92 14.13
N SER B 134 2.17 -1.87 13.94
CA SER B 134 1.87 -0.50 14.42
C SER B 134 1.18 0.31 13.31
N GLY B 135 0.47 1.35 13.70
CA GLY B 135 -0.27 2.17 12.75
C GLY B 135 -1.43 1.40 12.17
N ALA B 136 -2.20 2.09 11.34
CA ALA B 136 -3.39 1.58 10.63
C ALA B 136 -2.87 0.74 9.47
N VAL B 137 -3.25 -0.54 9.41
CA VAL B 137 -2.64 -1.46 8.42
C VAL B 137 -3.34 -1.33 7.07
N SER B 138 -2.57 -1.21 6.01
CA SER B 138 -3.13 -1.22 4.65
C SER B 138 -2.98 -2.65 4.08
N GLU B 139 -3.76 -2.94 3.06
CA GLU B 139 -3.91 -4.32 2.51
C GLU B 139 -2.65 -4.72 1.76
N ASP B 140 -1.71 -3.80 1.48
CA ASP B 140 -0.43 -4.21 0.83
C ASP B 140 0.68 -4.39 1.87
N LEU B 141 0.36 -4.52 3.16
CA LEU B 141 1.36 -4.80 4.22
C LEU B 141 1.65 -6.31 4.24
N LEU B 142 2.92 -6.70 4.27
CA LEU B 142 3.40 -8.11 4.43
C LEU B 142 2.76 -8.70 5.68
N PRO B 143 1.78 -9.62 5.55
CA PRO B 143 1.16 -10.19 6.74
C PRO B 143 2.00 -11.31 7.34
N ILE B 144 2.09 -11.35 8.67
CA ILE B 144 2.80 -12.38 9.46
C ILE B 144 1.93 -12.78 10.63
N PRO B 145 1.04 -13.79 10.44
CA PRO B 145 0.11 -14.16 11.51
C PRO B 145 0.83 -14.54 12.79
N LEU B 146 0.17 -14.32 13.93
CA LEU B 146 0.67 -14.68 15.29
C LEU B 146 0.07 -16.01 15.76
N SER B 147 -1.00 -16.50 15.14
CA SER B 147 -1.69 -17.73 15.58
C SER B 147 -1.82 -18.76 14.45
N PRO B 148 -1.89 -20.06 14.78
CA PRO B 148 -2.14 -21.08 13.76
C PRO B 148 -3.44 -20.79 13.01
N PHE B 149 -4.45 -20.29 13.71
CA PHE B 149 -5.74 -19.87 13.11
C PHE B 149 -5.47 -18.87 11.99
N GLY B 150 -4.67 -17.85 12.29
CA GLY B 150 -4.37 -16.80 11.31
C GLY B 150 -3.63 -17.37 10.12
N VAL B 151 -2.73 -18.35 10.34
CA VAL B 151 -2.00 -19.02 9.24
C VAL B 151 -3.02 -19.65 8.29
N THR B 152 -4.00 -20.38 8.82
CA THR B 152 -4.99 -21.08 7.99
C THR B 152 -5.81 -20.07 7.19
N LYS B 153 -6.22 -18.95 7.79
CA LYS B 153 -7.03 -17.95 7.05
C LYS B 153 -6.16 -17.35 5.95
N LEU B 154 -4.89 -17.12 6.22
CA LEU B 154 -4.04 -16.47 5.21
C LEU B 154 -3.82 -17.46 4.06
N SER B 155 -3.71 -18.75 4.36
CA SER B 155 -3.60 -19.83 3.34
C SER B 155 -4.83 -19.82 2.42
N GLY B 156 -6.01 -19.57 2.98
CA GLY B 156 -7.28 -19.41 2.24
C GLY B 156 -7.20 -18.23 1.29
N GLU B 157 -6.67 -17.11 1.75
CA GLU B 157 -6.49 -15.94 0.85
C GLU B 157 -5.56 -16.35 -0.30
N HIS B 158 -4.44 -16.98 0.01
CA HIS B 158 -3.43 -17.31 -1.02
C HIS B 158 -4.02 -18.24 -2.08
N LEU B 159 -4.87 -19.20 -1.67
CA LEU B 159 -5.59 -20.08 -2.64
C LEU B 159 -6.47 -19.23 -3.55
N CYS B 160 -7.18 -18.25 -3.00
CA CYS B 160 -8.00 -17.32 -3.82
C CYS B 160 -7.12 -16.71 -4.91
N HIS B 161 -5.94 -16.19 -4.56
CA HIS B 161 -5.02 -15.58 -5.56
C HIS B 161 -4.57 -16.61 -6.59
N VAL B 162 -4.33 -17.84 -6.17
CA VAL B 162 -3.85 -18.89 -7.10
C VAL B 162 -4.96 -19.14 -8.13
N TYR B 163 -6.21 -19.27 -7.69
CA TYR B 163 -7.28 -19.68 -8.63
C TYR B 163 -7.70 -18.50 -9.54
N HIS B 164 -7.60 -17.30 -9.04
CA HIS B 164 -7.88 -16.07 -9.81
C HIS B 164 -6.84 -15.94 -10.92
N LYS B 165 -5.56 -16.05 -10.59
CA LYS B 165 -4.48 -15.82 -11.58
C LYS B 165 -4.49 -16.93 -12.66
N ASN B 166 -4.79 -18.18 -12.30
CA ASN B 166 -4.64 -19.34 -13.19
C ASN B 166 -5.96 -19.60 -13.93
N PHE B 167 -7.11 -19.38 -13.31
CA PHE B 167 -8.43 -19.79 -13.84
C PHE B 167 -9.42 -18.64 -13.87
N HIS B 168 -8.99 -17.42 -13.60
CA HIS B 168 -9.83 -16.20 -13.74
C HIS B 168 -11.10 -16.31 -12.89
N ILE B 169 -11.07 -17.04 -11.78
CA ILE B 169 -12.16 -16.95 -10.77
C ILE B 169 -12.20 -15.53 -10.22
N PRO B 170 -13.34 -14.82 -10.31
CA PRO B 170 -13.42 -13.40 -9.97
C PRO B 170 -13.49 -13.15 -8.45
N ILE B 171 -12.34 -13.30 -7.80
CA ILE B 171 -12.21 -13.26 -6.32
C ILE B 171 -12.19 -11.81 -5.85
N VAL B 172 -12.72 -11.63 -4.66
CA VAL B 172 -12.61 -10.40 -3.83
C VAL B 172 -12.39 -10.90 -2.40
N ILE B 173 -11.40 -10.35 -1.73
CA ILE B 173 -11.08 -10.75 -0.34
C ILE B 173 -11.45 -9.59 0.57
N LEU B 174 -12.33 -9.84 1.54
CA LEU B 174 -12.65 -8.84 2.59
C LEU B 174 -11.98 -9.27 3.89
N ARG B 175 -11.18 -8.39 4.51
CA ARG B 175 -10.57 -8.68 5.83
C ARG B 175 -11.37 -7.92 6.90
N TYR B 176 -12.15 -8.64 7.66
CA TYR B 176 -12.93 -8.04 8.75
C TYR B 176 -12.04 -7.91 9.99
N PHE B 177 -12.36 -6.93 10.82
CA PHE B 177 -11.72 -6.62 12.12
C PHE B 177 -12.76 -6.78 13.25
N THR B 178 -12.56 -7.75 14.10
CA THR B 178 -13.34 -8.05 15.33
C THR B 178 -14.76 -7.50 15.25
N VAL B 179 -15.68 -8.34 14.76
CA VAL B 179 -17.09 -7.94 14.56
C VAL B 179 -17.87 -8.22 15.84
N TYR B 180 -18.82 -7.38 16.17
CA TYR B 180 -19.64 -7.53 17.40
C TYR B 180 -21.09 -7.11 17.12
N GLY B 181 -21.94 -7.35 18.11
CA GLY B 181 -23.35 -6.97 18.02
C GLY B 181 -24.24 -8.16 18.32
N PRO B 182 -25.54 -7.98 18.10
CA PRO B 182 -26.48 -9.09 18.27
C PRO B 182 -26.04 -10.33 17.51
N ARG B 183 -26.16 -11.49 18.17
CA ARG B 183 -25.86 -12.87 17.68
C ARG B 183 -24.35 -13.10 17.68
N GLN B 184 -23.56 -12.23 18.29
CA GLN B 184 -22.10 -12.45 18.36
C GLN B 184 -21.85 -13.85 18.97
N ARG B 185 -20.80 -14.53 18.48
CA ARG B 185 -20.46 -15.89 18.96
C ARG B 185 -20.20 -15.82 20.46
N PRO B 186 -20.62 -16.85 21.24
CA PRO B 186 -20.42 -16.84 22.69
C PRO B 186 -18.96 -16.86 23.16
N ASP B 187 -18.03 -17.25 22.29
CA ASP B 187 -16.59 -17.32 22.63
C ASP B 187 -15.95 -15.94 22.56
N MET B 188 -16.62 -14.92 22.02
CA MET B 188 -15.97 -13.61 21.81
C MET B 188 -16.11 -12.74 23.07
N ALA B 189 -15.25 -11.71 23.17
CA ALA B 189 -15.03 -10.91 24.39
C ALA B 189 -16.35 -10.25 24.82
N PHE B 190 -17.07 -9.59 23.92
CA PHE B 190 -18.22 -8.76 24.33
C PHE B 190 -19.34 -9.68 24.84
N HIS B 191 -19.56 -10.79 24.19
CA HIS B 191 -20.58 -11.78 24.63
C HIS B 191 -20.26 -12.24 26.05
N ARG B 192 -19.01 -12.66 26.26
CA ARG B 192 -18.56 -13.15 27.58
C ARG B 192 -18.65 -12.04 28.64
N LEU B 193 -18.08 -10.87 28.39
CA LEU B 193 -18.06 -9.75 29.38
C LEU B 193 -19.51 -9.34 29.70
N ILE B 194 -20.39 -9.25 28.71
CA ILE B 194 -21.79 -8.81 28.93
C ILE B 194 -22.49 -9.85 29.79
N LYS B 195 -22.32 -11.12 29.44
CA LYS B 195 -22.98 -12.25 30.16
C LYS B 195 -22.48 -12.25 31.62
N GLN B 196 -21.18 -12.01 31.86
CA GLN B 196 -20.59 -12.00 33.23
C GLN B 196 -21.20 -10.83 34.02
N MET B 197 -21.25 -9.63 33.44
CA MET B 197 -21.89 -8.43 34.05
C MET B 197 -23.36 -8.73 34.38
N LEU B 198 -24.12 -9.32 33.46
CA LEU B 198 -25.56 -9.65 33.71
C LEU B 198 -25.67 -10.64 34.87
N GLU B 199 -24.67 -11.50 35.07
CA GLU B 199 -24.75 -12.58 36.10
C GLU B 199 -23.94 -12.20 37.35
N ASP B 200 -23.45 -10.97 37.45
CA ASP B 200 -22.71 -10.48 38.64
C ASP B 200 -21.54 -11.43 38.91
N LYS B 201 -20.81 -11.79 37.84
CA LYS B 201 -19.58 -12.61 37.91
C LYS B 201 -18.40 -11.70 37.60
N PRO B 202 -17.18 -12.04 38.11
CA PRO B 202 -15.98 -11.30 37.74
C PRO B 202 -15.86 -11.31 36.21
N LEU B 203 -15.43 -10.19 35.64
CA LEU B 203 -15.20 -10.06 34.18
C LEU B 203 -13.80 -10.60 33.87
N THR B 204 -13.71 -11.58 32.95
CA THR B 204 -12.45 -12.28 32.61
C THR B 204 -11.66 -11.42 31.60
N ILE B 205 -10.52 -10.89 32.04
CA ILE B 205 -9.59 -10.08 31.19
C ILE B 205 -8.31 -10.88 30.98
N PHE B 206 -7.98 -11.20 29.73
CA PHE B 206 -6.73 -11.93 29.41
C PHE B 206 -5.67 -10.84 29.27
N GLY B 207 -4.61 -10.97 30.02
CA GLY B 207 -3.54 -9.97 30.07
C GLY B 207 -4.00 -8.78 30.89
N ASP B 208 -3.52 -7.58 30.54
CA ASP B 208 -3.68 -6.38 31.38
C ASP B 208 -4.85 -5.53 30.89
N GLY B 209 -5.57 -5.92 29.83
CA GLY B 209 -6.72 -5.15 29.34
C GLY B 209 -6.32 -3.94 28.50
N THR B 210 -5.02 -3.72 28.25
CA THR B 210 -4.57 -2.59 27.39
C THR B 210 -4.64 -2.98 25.91
N GLN B 211 -4.84 -4.26 25.56
CA GLN B 211 -5.00 -4.70 24.15
C GLN B 211 -6.15 -3.93 23.53
N THR B 212 -6.02 -3.53 22.26
CA THR B 212 -7.03 -2.72 21.57
C THR B 212 -7.50 -3.46 20.30
N ARG B 213 -8.74 -3.20 19.90
CA ARG B 213 -9.27 -3.72 18.63
C ARG B 213 -9.98 -2.60 17.85
N ASP B 214 -9.94 -2.77 16.53
CA ASP B 214 -10.76 -1.96 15.61
C ASP B 214 -12.13 -2.62 15.50
N PHE B 215 -12.93 -2.55 16.55
CA PHE B 215 -14.23 -3.27 16.63
C PHE B 215 -15.18 -2.77 15.54
N THR B 216 -15.81 -3.72 14.84
CA THR B 216 -16.68 -3.45 13.68
C THR B 216 -18.07 -3.90 14.06
N TYR B 217 -19.01 -2.96 14.17
CA TYR B 217 -20.41 -3.33 14.47
C TYR B 217 -20.98 -4.15 13.30
N ILE B 218 -21.82 -5.13 13.61
CA ILE B 218 -22.30 -6.12 12.61
C ILE B 218 -22.94 -5.41 11.44
N ASP B 219 -23.84 -4.44 11.65
CA ASP B 219 -24.51 -3.74 10.53
C ASP B 219 -23.49 -3.00 9.67
N ASP B 220 -22.40 -2.49 10.24
CA ASP B 220 -21.35 -1.83 9.41
C ASP B 220 -20.65 -2.90 8.57
N CYS B 221 -20.26 -4.01 9.19
CA CYS B 221 -19.63 -5.16 8.49
C CYS B 221 -20.51 -5.58 7.30
N ILE B 222 -21.81 -5.75 7.53
CA ILE B 222 -22.73 -6.26 6.49
C ILE B 222 -22.91 -5.21 5.38
N ARG B 223 -23.05 -3.93 5.71
CA ARG B 223 -23.11 -2.86 4.68
C ARG B 223 -21.89 -2.96 3.76
N GLY B 224 -20.68 -3.11 4.30
CA GLY B 224 -19.48 -3.23 3.46
C GLY B 224 -19.50 -4.50 2.61
N THR B 225 -19.98 -5.59 3.17
CA THR B 225 -20.02 -6.93 2.54
C THR B 225 -20.99 -6.89 1.36
N VAL B 226 -22.17 -6.25 1.54
CA VAL B 226 -23.19 -6.13 0.47
C VAL B 226 -22.63 -5.16 -0.59
N ALA B 227 -21.88 -4.15 -0.17
CA ALA B 227 -21.25 -3.18 -1.10
C ALA B 227 -20.24 -3.91 -2.01
N ALA B 228 -19.59 -4.96 -1.52
CA ALA B 228 -18.62 -5.70 -2.36
C ALA B 228 -19.33 -6.32 -3.59
N LEU B 229 -20.61 -6.64 -3.43
CA LEU B 229 -21.46 -7.18 -4.51
C LEU B 229 -21.97 -6.03 -5.37
N GLU B 230 -22.43 -4.95 -4.74
CA GLU B 230 -23.29 -3.93 -5.41
C GLU B 230 -22.45 -2.79 -5.96
N THR B 231 -21.17 -2.69 -5.60
CA THR B 231 -20.33 -1.52 -5.95
C THR B 231 -20.28 -1.32 -7.47
N LYS B 232 -20.27 -0.07 -7.91
CA LYS B 232 -20.11 0.30 -9.34
C LYS B 232 -18.65 0.10 -9.76
N LYS B 233 -17.71 -0.03 -8.83
CA LYS B 233 -16.26 -0.11 -9.19
C LYS B 233 -15.82 -1.56 -9.42
N ASN B 234 -14.76 -1.73 -10.21
CA ASN B 234 -14.09 -3.03 -10.46
C ASN B 234 -13.16 -3.38 -9.30
N ILE B 235 -13.52 -4.35 -8.49
CA ILE B 235 -12.77 -4.73 -7.26
C ILE B 235 -12.24 -6.15 -7.40
N ILE B 236 -12.38 -6.77 -8.57
CA ILE B 236 -11.89 -8.16 -8.81
C ILE B 236 -10.38 -8.21 -8.53
N GLY B 237 -9.97 -9.13 -7.66
CA GLY B 237 -8.56 -9.34 -7.32
C GLY B 237 -8.09 -8.48 -6.17
N GLU B 238 -8.92 -7.58 -5.65
CA GLU B 238 -8.57 -6.67 -4.53
C GLU B 238 -8.75 -7.36 -3.17
N VAL B 239 -7.87 -7.02 -2.24
CA VAL B 239 -8.01 -7.28 -0.78
C VAL B 239 -8.50 -5.98 -0.14
N ILE B 240 -9.57 -6.01 0.65
CA ILE B 240 -10.19 -4.78 1.23
C ILE B 240 -10.43 -4.97 2.73
N ASN B 241 -9.79 -4.11 3.54
CA ASN B 241 -10.07 -4.06 5.01
C ASN B 241 -11.45 -3.52 5.27
N ILE B 242 -12.19 -4.19 6.16
CA ILE B 242 -13.50 -3.72 6.68
C ILE B 242 -13.36 -3.58 8.18
N GLY B 243 -13.25 -2.34 8.66
CA GLY B 243 -12.95 -2.02 10.06
C GLY B 243 -14.00 -1.09 10.60
N GLY B 244 -13.87 -0.72 11.87
CA GLY B 244 -15.01 -0.20 12.64
C GLY B 244 -14.94 1.30 12.86
N LYS B 245 -15.97 1.87 13.49
CA LYS B 245 -16.06 3.33 13.70
C LYS B 245 -14.99 3.76 14.69
N GLU B 246 -14.79 3.00 15.77
CA GLU B 246 -13.97 3.41 16.93
C GLU B 246 -13.12 2.25 17.44
N GLN B 247 -11.83 2.51 17.65
CA GLN B 247 -10.88 1.61 18.33
C GLN B 247 -11.01 1.80 19.84
N ALA B 248 -10.86 0.73 20.63
CA ALA B 248 -10.97 0.72 22.09
C ALA B 248 -10.11 -0.39 22.69
N SER B 249 -9.65 -0.19 23.92
CA SER B 249 -9.00 -1.23 24.74
C SER B 249 -10.10 -2.03 25.44
N ILE B 250 -9.76 -3.18 26.01
CA ILE B 250 -10.76 -3.96 26.79
C ILE B 250 -11.16 -3.15 28.03
N LEU B 251 -10.19 -2.47 28.69
CA LEU B 251 -10.49 -1.58 29.85
C LEU B 251 -11.51 -0.52 29.43
N ASP B 252 -11.34 0.13 28.26
CA ASP B 252 -12.29 1.13 27.70
C ASP B 252 -13.68 0.50 27.53
N ILE B 253 -13.75 -0.69 26.97
CA ILE B 253 -15.05 -1.40 26.77
C ILE B 253 -15.69 -1.67 28.13
N ILE B 254 -14.92 -2.06 29.13
CA ILE B 254 -15.51 -2.41 30.45
C ILE B 254 -16.19 -1.15 31.03
N SER B 255 -15.55 0.02 30.93
CA SER B 255 -16.11 1.33 31.40
C SER B 255 -17.40 1.64 30.65
N MET B 256 -17.44 1.35 29.33
CA MET B 256 -18.62 1.57 28.46
C MET B 256 -19.74 0.65 28.90
N LEU B 257 -19.44 -0.59 29.32
CA LEU B 257 -20.46 -1.55 29.80
C LEU B 257 -20.96 -1.14 31.19
N GLU B 258 -20.07 -0.61 32.04
CA GLU B 258 -20.45 -0.05 33.36
C GLU B 258 -21.49 1.06 33.13
N LYS B 259 -21.25 1.96 32.18
CA LYS B 259 -22.17 3.08 31.84
C LYS B 259 -23.55 2.54 31.40
N ILE B 260 -23.58 1.49 30.59
CA ILE B 260 -24.84 0.90 30.03
C ILE B 260 -25.55 0.12 31.13
N SER B 261 -24.84 -0.68 31.91
CA SER B 261 -25.43 -1.58 32.94
C SER B 261 -25.79 -0.77 34.19
N GLY B 262 -24.99 0.26 34.50
CA GLY B 262 -25.08 1.00 35.77
C GLY B 262 -24.51 0.22 36.94
N LYS B 263 -23.91 -0.95 36.69
CA LYS B 263 -23.16 -1.75 37.69
C LYS B 263 -21.68 -1.37 37.56
N SER B 264 -20.92 -1.54 38.64
CA SER B 264 -19.45 -1.42 38.64
C SER B 264 -18.90 -2.85 38.48
N ALA B 265 -17.90 -3.02 37.63
CA ALA B 265 -17.36 -4.35 37.27
C ALA B 265 -16.34 -4.80 38.33
N THR B 266 -16.47 -6.05 38.77
CA THR B 266 -15.36 -6.84 39.38
C THR B 266 -14.53 -7.42 38.25
N LYS B 267 -13.23 -7.16 38.25
CA LYS B 267 -12.29 -7.61 37.20
C LYS B 267 -11.49 -8.82 37.67
N ASN B 268 -11.40 -9.84 36.81
CA ASN B 268 -10.57 -11.03 37.04
C ASN B 268 -9.48 -11.01 35.96
N PHE B 269 -8.28 -10.50 36.30
CA PHE B 269 -7.13 -10.46 35.37
C PHE B 269 -6.46 -11.83 35.28
N LEU B 270 -6.45 -12.43 34.09
CA LEU B 270 -5.84 -13.75 33.79
C LEU B 270 -4.62 -13.54 32.88
N LYS B 271 -3.78 -14.57 32.73
CA LYS B 271 -2.58 -14.52 31.84
C LYS B 271 -3.02 -14.26 30.39
N SER B 272 -2.30 -13.41 29.67
CA SER B 272 -2.49 -13.22 28.21
C SER B 272 -2.41 -14.60 27.53
N VAL B 273 -3.21 -14.81 26.49
CA VAL B 273 -3.30 -16.03 25.65
C VAL B 273 -2.28 -15.91 24.52
N PRO B 274 -1.44 -16.93 24.23
CA PRO B 274 -0.56 -16.86 23.07
C PRO B 274 -1.36 -16.74 21.78
N GLY B 275 -0.78 -16.00 20.83
CA GLY B 275 -1.25 -15.90 19.45
C GLY B 275 -2.19 -14.74 19.21
N GLU B 276 -2.34 -13.81 20.16
CA GLU B 276 -3.24 -12.63 20.01
C GLU B 276 -2.41 -11.36 19.90
N PRO B 277 -2.66 -10.48 18.89
CA PRO B 277 -1.96 -9.20 18.83
C PRO B 277 -2.41 -8.27 19.96
N LYS B 278 -1.55 -7.34 20.37
CA LYS B 278 -1.90 -6.27 21.34
C LYS B 278 -2.83 -5.24 20.69
N GLN B 279 -2.71 -5.01 19.39
CA GLN B 279 -3.45 -3.92 18.71
C GLN B 279 -3.98 -4.42 17.37
N THR B 280 -5.23 -4.08 17.00
CA THR B 280 -5.63 -4.11 15.58
C THR B 280 -6.19 -2.72 15.25
N TRP B 281 -5.86 -2.26 14.05
CA TRP B 281 -6.19 -0.91 13.56
C TRP B 281 -6.15 -0.94 12.03
N ALA B 282 -7.33 -0.92 11.38
CA ALA B 282 -7.50 -1.01 9.92
C ALA B 282 -7.35 0.36 9.27
N ASP B 283 -6.60 0.42 8.18
CA ASP B 283 -6.69 1.55 7.21
C ASP B 283 -7.84 1.19 6.28
N ILE B 284 -8.92 1.96 6.31
CA ILE B 284 -10.15 1.66 5.51
C ILE B 284 -10.26 2.62 4.32
N SER B 285 -9.16 3.29 3.96
CA SER B 285 -9.01 4.18 2.77
C SER B 285 -9.57 3.48 1.52
N LYS B 286 -9.14 2.23 1.32
CA LYS B 286 -9.48 1.44 0.13
C LYS B 286 -10.99 1.15 0.10
N ALA B 287 -11.55 0.64 1.19
CA ALA B 287 -13.00 0.38 1.31
C ALA B 287 -13.79 1.66 1.02
N SER B 288 -13.34 2.80 1.57
CA SER B 288 -14.01 4.11 1.36
C SER B 288 -14.09 4.40 -0.14
N THR B 289 -12.97 4.26 -0.83
CA THR B 289 -12.80 4.50 -2.28
C THR B 289 -13.62 3.49 -3.08
N LEU B 290 -13.44 2.19 -2.83
CA LEU B 290 -13.97 1.14 -3.75
C LEU B 290 -15.41 0.74 -3.40
N LEU B 291 -15.83 0.84 -2.14
CA LEU B 291 -17.14 0.36 -1.68
C LEU B 291 -18.01 1.52 -1.17
N GLN B 292 -17.49 2.75 -1.06
CA GLN B 292 -18.19 3.86 -0.35
C GLN B 292 -18.43 3.44 1.11
N TYR B 293 -17.50 2.71 1.69
CA TYR B 293 -17.67 2.19 3.07
C TYR B 293 -17.38 3.33 4.05
N SER B 294 -18.32 3.57 4.97
CA SER B 294 -18.10 4.44 6.15
C SER B 294 -18.83 3.81 7.32
N PRO B 295 -18.13 3.32 8.36
CA PRO B 295 -18.82 2.75 9.51
C PRO B 295 -19.48 3.90 10.28
N THR B 296 -20.71 3.68 10.72
CA THR B 296 -21.53 4.76 11.33
C THR B 296 -22.02 4.40 12.73
N VAL B 297 -21.81 3.18 13.21
CA VAL B 297 -22.38 2.80 14.53
C VAL B 297 -21.29 2.99 15.58
N SER B 298 -21.56 3.84 16.56
CA SER B 298 -20.63 4.13 17.67
C SER B 298 -20.57 2.91 18.58
N LEU B 299 -19.46 2.76 19.32
CA LEU B 299 -19.31 1.66 20.31
C LEU B 299 -20.42 1.70 21.37
N SER B 300 -20.83 2.87 21.84
CA SER B 300 -21.90 2.98 22.86
C SER B 300 -23.18 2.37 22.29
N ASP B 301 -23.63 2.80 21.09
CA ASP B 301 -24.88 2.29 20.48
C ASP B 301 -24.76 0.78 20.20
N GLY B 302 -23.63 0.35 19.62
CA GLY B 302 -23.39 -1.07 19.28
C GLY B 302 -23.44 -1.97 20.52
N LEU B 303 -22.75 -1.56 21.59
CA LEU B 303 -22.67 -2.33 22.85
C LEU B 303 -24.05 -2.41 23.46
N GLU B 304 -24.82 -1.31 23.42
CA GLU B 304 -26.19 -1.31 23.97
C GLU B 304 -27.02 -2.36 23.21
N ALA B 305 -26.95 -2.40 21.87
CA ALA B 305 -27.68 -3.39 21.04
C ALA B 305 -27.28 -4.83 21.43
N GLU B 306 -25.98 -5.09 21.61
CA GLU B 306 -25.53 -6.45 21.98
C GLU B 306 -25.98 -6.74 23.41
N TYR B 307 -25.87 -5.75 24.32
CA TYR B 307 -26.29 -5.88 25.73
C TYR B 307 -27.74 -6.35 25.76
N ASP B 308 -28.61 -5.72 24.97
CA ASP B 308 -30.06 -6.04 24.92
C ASP B 308 -30.26 -7.46 24.35
N TYR B 309 -29.47 -7.85 23.35
CA TYR B 309 -29.57 -9.19 22.74
C TYR B 309 -29.18 -10.27 23.77
N ILE B 310 -28.06 -10.07 24.46
CA ILE B 310 -27.56 -11.03 25.50
C ILE B 310 -28.63 -11.16 26.60
N LYS B 311 -29.07 -10.04 27.16
CA LYS B 311 -30.09 -10.00 28.24
C LYS B 311 -31.30 -10.83 27.81
N GLN B 312 -31.76 -10.71 26.56
CA GLN B 312 -32.90 -11.49 26.01
C GLN B 312 -32.48 -12.94 25.69
N LEU B 313 -31.27 -13.17 25.20
CA LEU B 313 -30.81 -14.53 24.77
C LEU B 313 -31.07 -15.53 25.92
N TYR B 314 -30.49 -15.25 27.08
CA TYR B 314 -30.47 -16.16 28.26
C TYR B 314 -31.73 -15.90 29.13
PA NAD C . 13.89 6.18 -10.61
O1A NAD C . 12.48 5.78 -10.95
O2A NAD C . 14.97 5.45 -11.31
O5B NAD C . 14.18 6.12 -9.04
C5B NAD C . 13.19 6.39 -8.00
C4B NAD C . 12.98 5.12 -7.20
O4B NAD C . 11.97 5.38 -6.19
C3B NAD C . 12.47 3.88 -7.98
O3B NAD C . 13.52 2.94 -8.11
C2B NAD C . 11.25 3.37 -7.15
O2B NAD C . 11.22 1.96 -6.98
C1B NAD C . 11.44 4.11 -5.84
N9A NAD C . 10.20 4.32 -5.11
C8A NAD C . 9.11 5.01 -5.55
N7A NAD C . 8.11 5.01 -4.72
C5A NAD C . 8.57 4.28 -3.63
C6A NAD C . 7.97 3.89 -2.41
N6A NAD C . 6.72 4.20 -2.09
N1A NAD C . 8.72 3.14 -1.55
C2A NAD C . 9.96 2.81 -1.91
N3A NAD C . 10.62 3.10 -3.04
C4A NAD C . 9.87 3.84 -3.86
O3 NAD C . 13.96 7.75 -10.90
PN NAD C . 15.27 8.70 -10.93
O1N NAD C . 15.33 9.20 -12.35
O2N NAD C . 16.34 8.00 -10.25
O5D NAD C . 14.81 9.91 -10.03
C5D NAD C . 15.22 10.03 -8.63
C4D NAD C . 14.64 11.31 -8.07
O4D NAD C . 15.15 12.43 -8.83
C3D NAD C . 13.11 11.41 -8.14
O3D NAD C . 12.64 12.11 -7.00
C2D NAD C . 12.90 12.27 -9.39
O2D NAD C . 11.70 13.01 -9.40
C1D NAD C . 14.10 13.20 -9.26
N1N NAD C . 14.53 13.83 -10.52
C2N NAD C . 14.98 13.06 -11.57
C3N NAD C . 15.41 13.64 -12.75
C7N NAD C . 15.89 12.82 -13.93
O7N NAD C . 16.16 13.44 -14.96
N7N NAD C . 16.04 11.50 -13.83
C4N NAD C . 15.36 15.06 -12.85
C5N NAD C . 14.74 15.79 -11.85
C6N NAD C . 14.46 15.19 -10.65
O2 UGF D . 11.58 13.66 -28.30
C2 UGF D . 11.55 12.81 -27.40
N3 UGF D . 11.53 11.46 -27.75
C4 UGF D . 11.46 10.46 -26.82
O4 UGF D . 11.40 9.27 -27.18
C5 UGF D . 11.40 10.85 -25.48
C6 UGF D . 11.44 12.20 -25.14
N1 UGF D . 11.51 13.17 -26.10
C1D UGF D . 11.57 14.58 -25.74
O4D UGF D . 12.92 14.68 -25.24
C2D UGF D . 10.63 14.99 -24.67
O2D UGF D . 9.44 15.51 -25.32
C3D UGF D . 11.44 16.11 -23.98
O3D UGF D . 11.14 17.42 -24.62
C4D UGF D . 12.89 15.74 -24.22
C5D UGF D . 13.60 15.17 -23.00
O5D UGF D . 12.73 14.25 -22.41
PA UGF D . 13.29 13.22 -21.17
O1A UGF D . 12.24 12.24 -20.79
O2A UGF D . 14.75 12.96 -21.35
O3A UGF D . 13.37 14.32 -19.94
PB UGF D . 12.24 15.35 -19.40
O1B UGF D . 12.84 16.68 -19.53
O2B UGF D . 10.86 15.07 -19.85
O3B UGF D . 12.07 14.81 -17.91
C1' UGF D . 13.21 14.48 -17.09
O5' UGF D . 13.71 15.57 -16.38
C5' UGF D . 12.73 16.18 -15.57
C6' UGF D . 13.36 17.43 -14.91
O'P UGF D . 14.44 17.86 -15.35
O'Q UGF D . 12.72 17.94 -13.98
C4' UGF D . 12.32 15.15 -14.49
F4' UGF D . 11.31 15.77 -13.75
C3' UGF D . 11.88 13.82 -15.12
O3' UGF D . 11.89 12.80 -14.13
C2' UGF D . 12.86 13.37 -16.12
O2' UGF D . 12.27 12.28 -16.88
PA NAD E . -19.28 -18.72 13.01
O1A NAD E . -18.63 -19.91 13.61
O2A NAD E . -20.44 -18.10 13.71
O5B NAD E . -19.82 -19.05 11.52
C5B NAD E . -19.10 -19.87 10.57
C4B NAD E . -20.00 -21.00 10.13
O4B NAD E . -19.28 -21.84 9.19
C3B NAD E . -20.45 -21.95 11.27
O3B NAD E . -21.88 -21.80 11.45
C2B NAD E . -20.02 -23.35 10.82
O2B NAD E . -21.00 -24.36 11.04
C1B NAD E . -19.79 -23.14 9.32
N9A NAD E . -18.88 -24.09 8.71
C8A NAD E . -17.58 -24.30 9.06
N7A NAD E . -17.01 -25.23 8.36
C5A NAD E . -18.00 -25.70 7.51
C6A NAD E . -18.01 -26.71 6.53
N6A NAD E . -16.97 -27.53 6.30
N1A NAD E . -19.17 -26.92 5.86
C2A NAD E . -20.21 -26.11 6.13
N3A NAD E . -20.32 -25.16 7.04
C4A NAD E . -19.15 -24.97 7.69
O3 NAD E . -18.16 -17.60 12.73
PN NAD E . -18.44 -16.06 12.35
O1N NAD E . -17.97 -15.27 13.53
O2N NAD E . -19.80 -15.79 11.83
O5D NAD E . -17.37 -15.86 11.19
C5D NAD E . -17.80 -15.93 9.82
C4D NAD E . -16.60 -15.64 8.95
O4D NAD E . -16.10 -14.31 9.24
C3D NAD E . -15.41 -16.60 9.14
O3D NAD E . -14.74 -16.83 7.90
C2D NAD E . -14.51 -15.80 10.09
O2D NAD E . -13.15 -16.20 10.01
C1D NAD E . -14.71 -14.38 9.53
N1N NAD E . -14.37 -13.31 10.48
C2N NAD E . -15.12 -13.15 11.63
C3N NAD E . -14.80 -12.15 12.55
C7N NAD E . -15.58 -12.03 13.84
O7N NAD E . -15.18 -11.21 14.65
N7N NAD E . -16.63 -12.82 14.04
C4N NAD E . -13.73 -11.29 12.26
C5N NAD E . -12.93 -11.54 11.16
C6N NAD E . -13.34 -12.45 10.21
O2 UGF F . -10.03 -10.05 27.65
C2 UGF F . -10.74 -10.88 27.08
N3 UGF F . -11.62 -11.58 27.86
C4 UGF F . -12.49 -12.52 27.34
O4 UGF F . -13.25 -13.14 28.09
C5 UGF F . -12.41 -12.77 25.99
C6 UGF F . -11.52 -12.05 25.20
N1 UGF F . -10.68 -11.10 25.75
C1D UGF F . -9.74 -10.31 24.94
O4D UGF F . -10.57 -9.48 24.19
C2D UGF F . -8.97 -11.08 23.91
O2D UGF F . -7.75 -11.56 24.51
C3D UGF F . -8.74 -10.07 22.88
O3D UGF F . -7.60 -9.32 23.16
C4D UGF F . -9.92 -9.18 22.95
C5D UGF F . -10.94 -9.45 21.79
O5D UGF F . -11.28 -10.81 21.80
PA UGF F . -12.59 -11.27 20.83
O1A UGF F . -12.70 -12.70 21.00
O2A UGF F . -13.65 -10.37 21.05
O3A UGF F . -11.97 -10.85 19.35
PB UGF F . -10.57 -11.24 18.63
O1B UGF F . -9.89 -10.01 18.13
O2B UGF F . -9.81 -12.26 19.34
O3B UGF F . -11.14 -12.24 17.39
C1' UGF F . -12.22 -11.92 16.52
O5' UGF F . -11.81 -11.19 15.40
C5' UGF F . -10.70 -11.82 14.78
C6' UGF F . -9.97 -10.83 13.82
O'P UGF F . -10.61 -9.91 13.25
O'Q UGF F . -8.75 -11.00 13.72
C4' UGF F . -11.36 -12.99 14.03
F4' UGF F . -10.50 -13.56 13.25
C3' UGF F . -12.02 -13.97 15.08
O3' UGF F . -12.88 -14.87 14.44
C2' UGF F . -12.89 -13.21 16.05
O2' UGF F . -13.10 -14.03 17.18
#